data_6NPK
#
_entry.id   6NPK
#
_cell.length_a   1
_cell.length_b   1
_cell.length_c   1
_cell.angle_alpha   90
_cell.angle_beta   90
_cell.angle_gamma   90
#
_symmetry.space_group_name_H-M   'P 1'
#
_entity_poly.entity_id   1
_entity_poly.type   'polypeptide(L)'
_entity_poly.pdbx_seq_one_letter_code
;KFGWIKGVLVRCMLNIWGVMLFIRMTWIVGQAGIAYSCIIVIMATVVTTITGCSTSAIATNGFVRGGGAYYLISRSLGPE
FGGSIGLIFAFANAVAVAMYVVGFAETVVELLMDSGLLMIDQTNDIRVIGTITVILLLGISVAGMEWEAKAQIFLLVILI
TAIFNYFIGSFIAVDSKKKFGFFSYDAGILAENFGPDFRGQTFFSVFSIFFPAATGILAGANISGDLADPQMAIPKGTLL
AILITGLVYVGVAISAGACIVRDATGIESNFTLISNCTDAACKYGYDFSSCRPTVEGEVSSCKFGLHNDFQVMSVVSGFS
PLISAGIFSATLSSALASLVSAPKVFQALCKDNIYPGIAIFGKGYGKNNEPLRGYFLTFGIALAFILIAELNVIAPIISN
FFLASYALINFSVFHASLANSPGWRPSFKYYNMWASLAGAILCCVVMFIINWWAALLTNVIVLSLYIYVSYK
;
_entity_poly.pdbx_strand_id   A,B
#
# COMPACT_ATOMS: atom_id res chain seq x y z
N LYS A 1 -28.70 21.47 -26.61
CA LYS A 1 -29.94 20.70 -26.67
C LYS A 1 -30.59 20.57 -25.29
N PHE A 2 -29.97 19.78 -24.44
CA PHE A 2 -30.52 19.51 -23.12
C PHE A 2 -30.38 20.73 -22.20
N GLY A 3 -31.24 20.79 -21.19
CA GLY A 3 -31.16 21.84 -20.19
C GLY A 3 -30.17 21.49 -19.11
N TRP A 4 -30.58 21.61 -17.85
CA TRP A 4 -29.76 21.13 -16.75
C TRP A 4 -30.44 20.06 -15.92
N ILE A 5 -31.77 20.04 -15.89
CA ILE A 5 -32.48 18.97 -15.20
C ILE A 5 -32.42 17.67 -16.00
N LYS A 6 -32.91 17.71 -17.24
CA LYS A 6 -32.99 16.53 -18.07
C LYS A 6 -31.64 16.09 -18.63
N GLY A 7 -30.62 16.94 -18.57
CA GLY A 7 -29.35 16.62 -19.17
C GLY A 7 -28.29 16.19 -18.17
N VAL A 8 -28.24 16.85 -17.02
CA VAL A 8 -27.23 16.59 -16.01
C VAL A 8 -27.81 15.91 -14.79
N LEU A 9 -28.94 16.41 -14.26
CA LEU A 9 -29.47 15.89 -13.00
C LEU A 9 -30.04 14.49 -13.16
N VAL A 10 -30.83 14.26 -14.21
CA VAL A 10 -31.40 12.94 -14.46
C VAL A 10 -30.32 11.94 -14.82
N ARG A 11 -29.33 12.37 -15.61
CA ARG A 11 -28.26 11.46 -16.01
C ARG A 11 -27.35 11.09 -14.84
N CYS A 12 -27.06 12.05 -13.95
CA CYS A 12 -26.30 11.75 -12.76
C CYS A 12 -27.08 10.91 -11.75
N MET A 13 -28.37 11.16 -11.57
CA MET A 13 -29.17 10.34 -10.67
C MET A 13 -29.45 8.96 -11.22
N LEU A 14 -29.31 8.76 -12.53
CA LEU A 14 -29.41 7.40 -13.07
C LEU A 14 -28.07 6.68 -13.08
N ASN A 15 -26.96 7.40 -13.25
CA ASN A 15 -25.66 6.75 -13.20
C ASN A 15 -25.23 6.43 -11.77
N ILE A 16 -25.65 7.25 -10.81
CA ILE A 16 -25.25 7.02 -9.42
C ILE A 16 -26.05 5.87 -8.81
N TRP A 17 -27.38 5.90 -8.96
CA TRP A 17 -28.25 4.88 -8.41
C TRP A 17 -28.09 3.61 -9.23
N GLY A 18 -27.23 2.71 -8.76
CA GLY A 18 -26.93 1.51 -9.53
C GLY A 18 -27.26 0.21 -8.82
N VAL A 19 -26.24 -0.62 -8.59
CA VAL A 19 -26.45 -1.95 -8.03
C VAL A 19 -26.76 -1.88 -6.54
N MET A 20 -25.95 -1.14 -5.79
CA MET A 20 -25.91 -1.28 -4.34
C MET A 20 -27.08 -0.61 -3.64
N LEU A 21 -27.97 0.06 -4.38
CA LEU A 21 -29.14 0.68 -3.75
C LEU A 21 -30.12 -0.35 -3.23
N PHE A 22 -30.47 -1.33 -4.06
CA PHE A 22 -31.50 -2.30 -3.68
C PHE A 22 -30.94 -3.62 -3.17
N ILE A 23 -29.93 -4.18 -3.84
CA ILE A 23 -29.47 -5.52 -3.51
C ILE A 23 -28.30 -5.54 -2.53
N ARG A 24 -27.78 -4.38 -2.15
CA ARG A 24 -26.67 -4.38 -1.20
C ARG A 24 -26.70 -3.23 -0.19
N MET A 25 -27.78 -2.48 -0.07
CA MET A 25 -27.83 -1.52 1.04
C MET A 25 -28.09 -2.23 2.36
N THR A 26 -29.03 -3.16 2.37
CA THR A 26 -29.42 -3.84 3.59
C THR A 26 -28.31 -4.77 4.10
N TRP A 27 -27.53 -5.35 3.19
CA TRP A 27 -26.39 -6.14 3.62
C TRP A 27 -25.29 -5.26 4.21
N ILE A 28 -25.25 -3.99 3.81
CA ILE A 28 -24.27 -3.07 4.40
C ILE A 28 -24.72 -2.61 5.79
N VAL A 29 -26.03 -2.39 5.97
CA VAL A 29 -26.52 -2.09 7.32
C VAL A 29 -26.60 -3.35 8.18
N GLY A 30 -26.49 -4.54 7.57
CA GLY A 30 -26.36 -5.75 8.35
C GLY A 30 -24.94 -6.03 8.79
N GLN A 31 -23.96 -5.80 7.90
CA GLN A 31 -22.57 -6.02 8.25
C GLN A 31 -22.06 -4.91 9.16
N ALA A 32 -22.05 -3.68 8.68
CA ALA A 32 -21.72 -2.53 9.49
C ALA A 32 -22.95 -2.12 10.30
N GLY A 33 -22.75 -1.28 11.28
CA GLY A 33 -23.88 -0.78 12.06
C GLY A 33 -24.58 0.35 11.34
N ILE A 34 -25.64 0.86 11.98
CA ILE A 34 -26.29 2.07 11.49
C ILE A 34 -25.36 3.25 11.62
N ALA A 35 -24.64 3.36 12.74
CA ALA A 35 -23.69 4.43 12.94
C ALA A 35 -22.45 4.28 12.07
N TYR A 36 -22.19 3.08 11.56
CA TYR A 36 -21.12 2.90 10.59
C TYR A 36 -21.60 3.00 9.16
N SER A 37 -22.84 2.61 8.86
CA SER A 37 -23.37 2.84 7.51
C SER A 37 -23.54 4.33 7.24
N CYS A 38 -23.90 5.11 8.27
CA CYS A 38 -23.98 6.55 8.11
C CYS A 38 -22.60 7.17 7.86
N ILE A 39 -21.56 6.66 8.52
CA ILE A 39 -20.20 7.15 8.29
C ILE A 39 -19.72 6.75 6.91
N ILE A 40 -20.12 5.57 6.44
CA ILE A 40 -19.77 5.10 5.10
C ILE A 40 -20.41 5.99 4.03
N VAL A 41 -21.70 6.30 4.19
CA VAL A 41 -22.39 7.14 3.22
C VAL A 41 -21.86 8.57 3.26
N ILE A 42 -21.53 9.08 4.45
CA ILE A 42 -21.01 10.44 4.56
C ILE A 42 -19.60 10.54 3.98
N MET A 43 -18.78 9.50 4.14
CA MET A 43 -17.45 9.52 3.53
C MET A 43 -17.50 9.41 2.01
N ALA A 44 -18.35 8.51 1.49
CA ALA A 44 -18.48 8.40 0.04
C ALA A 44 -19.27 9.55 -0.57
N THR A 45 -19.93 10.37 0.26
CA THR A 45 -20.53 11.60 -0.23
C THR A 45 -19.55 12.76 -0.17
N VAL A 46 -18.65 12.77 0.81
CA VAL A 46 -17.60 13.78 0.88
C VAL A 46 -16.62 13.64 -0.29
N VAL A 47 -16.24 12.39 -0.60
CA VAL A 47 -15.35 12.11 -1.72
C VAL A 47 -15.98 12.56 -3.04
N THR A 48 -17.24 12.20 -3.26
CA THR A 48 -17.89 12.57 -4.51
C THR A 48 -18.24 14.05 -4.56
N THR A 49 -18.45 14.70 -3.41
CA THR A 49 -18.73 16.14 -3.42
C THR A 49 -17.47 16.94 -3.73
N ILE A 50 -16.32 16.52 -3.19
CA ILE A 50 -15.06 17.17 -3.54
C ILE A 50 -14.72 16.95 -5.00
N THR A 51 -14.95 15.74 -5.51
CA THR A 51 -14.71 15.49 -6.93
C THR A 51 -15.72 16.20 -7.83
N GLY A 52 -16.94 16.43 -7.34
CA GLY A 52 -17.92 17.18 -8.12
C GLY A 52 -17.58 18.65 -8.19
N CYS A 53 -17.07 19.22 -7.08
CA CYS A 53 -16.54 20.58 -7.11
C CYS A 53 -15.33 20.68 -8.03
N SER A 54 -14.48 19.65 -8.03
CA SER A 54 -13.27 19.70 -8.86
C SER A 54 -13.56 19.51 -10.34
N THR A 55 -14.62 18.77 -10.68
CA THR A 55 -14.99 18.68 -12.10
C THR A 55 -15.88 19.84 -12.53
N SER A 56 -16.57 20.50 -11.59
CA SER A 56 -17.28 21.72 -11.94
C SER A 56 -16.31 22.87 -12.18
N ALA A 57 -15.17 22.86 -11.49
CA ALA A 57 -14.13 23.84 -11.77
C ALA A 57 -13.51 23.63 -13.14
N ILE A 58 -13.44 22.40 -13.62
CA ILE A 58 -13.00 22.16 -14.99
C ILE A 58 -14.09 22.58 -15.98
N ALA A 59 -15.34 22.27 -15.67
CA ALA A 59 -16.46 22.59 -16.55
C ALA A 59 -16.82 24.08 -16.54
N THR A 60 -16.23 24.88 -15.65
CA THR A 60 -16.43 26.32 -15.67
C THR A 60 -15.15 27.06 -16.03
N ASN A 61 -14.16 26.37 -16.57
CA ASN A 61 -12.91 26.98 -17.03
C ASN A 61 -12.98 27.27 -18.53
N GLY A 62 -14.04 27.99 -18.91
CA GLY A 62 -14.29 28.24 -20.31
C GLY A 62 -14.68 26.97 -21.04
N PHE A 63 -14.34 26.94 -22.34
CA PHE A 63 -14.44 25.75 -23.20
C PHE A 63 -15.87 25.21 -23.28
N VAL A 64 -16.76 26.03 -23.85
CA VAL A 64 -18.15 25.61 -24.04
C VAL A 64 -18.24 24.54 -25.13
N ARG A 65 -17.49 24.73 -26.22
CA ARG A 65 -17.50 23.79 -27.32
C ARG A 65 -16.72 22.53 -26.97
N GLY A 66 -17.09 21.43 -27.61
CA GLY A 66 -16.37 20.19 -27.44
C GLY A 66 -16.99 19.25 -26.43
N GLY A 67 -17.60 18.16 -26.91
CA GLY A 67 -18.20 17.18 -26.02
C GLY A 67 -17.19 16.23 -25.41
N GLY A 68 -17.61 15.51 -24.36
CA GLY A 68 -16.73 14.55 -23.73
C GLY A 68 -16.07 15.07 -22.48
N ALA A 69 -16.03 14.24 -21.42
CA ALA A 69 -15.33 14.63 -20.21
C ALA A 69 -13.82 14.57 -20.38
N TYR A 70 -13.33 13.86 -21.40
CA TYR A 70 -11.91 13.91 -21.73
C TYR A 70 -11.52 15.27 -22.31
N TYR A 71 -12.43 15.91 -23.05
CA TYR A 71 -12.10 17.15 -23.75
C TYR A 71 -11.88 18.30 -22.78
N LEU A 72 -12.76 18.44 -21.79
CA LEU A 72 -12.63 19.50 -20.79
C LEU A 72 -11.38 19.33 -19.95
N ILE A 73 -11.05 18.09 -19.58
CA ILE A 73 -9.86 17.82 -18.79
C ILE A 73 -8.58 18.02 -19.59
N SER A 74 -8.53 17.56 -20.84
CA SER A 74 -7.33 17.73 -21.65
C SER A 74 -7.18 19.15 -22.18
N ARG A 75 -8.24 19.94 -22.21
CA ARG A 75 -8.13 21.33 -22.65
C ARG A 75 -7.82 22.28 -21.49
N SER A 76 -8.49 22.09 -20.34
CA SER A 76 -8.22 22.96 -19.20
C SER A 76 -6.87 22.63 -18.58
N LEU A 77 -6.65 21.37 -18.23
CA LEU A 77 -5.37 20.91 -17.72
C LEU A 77 -4.51 20.45 -18.89
N GLY A 78 -3.38 19.81 -18.61
CA GLY A 78 -2.48 19.40 -19.64
C GLY A 78 -2.95 18.14 -20.34
N PRO A 79 -2.19 17.71 -21.35
CA PRO A 79 -2.49 16.42 -21.98
C PRO A 79 -2.04 15.21 -21.18
N GLU A 80 -1.16 15.40 -20.20
CA GLU A 80 -0.69 14.27 -19.39
C GLU A 80 -1.77 13.80 -18.44
N PHE A 81 -2.31 14.71 -17.62
CA PHE A 81 -3.44 14.37 -16.75
C PHE A 81 -4.67 14.03 -17.54
N GLY A 82 -4.85 14.65 -18.71
CA GLY A 82 -5.96 14.30 -19.59
C GLY A 82 -5.89 12.87 -20.09
N GLY A 83 -4.70 12.43 -20.53
CA GLY A 83 -4.55 11.07 -20.99
C GLY A 83 -4.64 10.05 -19.87
N SER A 84 -4.08 10.38 -18.69
CA SER A 84 -4.15 9.48 -17.55
C SER A 84 -5.58 9.28 -17.08
N ILE A 85 -6.33 10.38 -16.95
CA ILE A 85 -7.73 10.28 -16.54
C ILE A 85 -8.56 9.61 -17.63
N GLY A 86 -8.29 9.91 -18.89
CA GLY A 86 -9.03 9.31 -19.98
C GLY A 86 -8.72 7.85 -20.22
N LEU A 87 -7.65 7.33 -19.62
CA LEU A 87 -7.47 5.88 -19.64
C LEU A 87 -8.04 5.21 -18.39
N ILE A 88 -7.80 5.79 -17.20
CA ILE A 88 -8.26 5.17 -15.97
C ILE A 88 -9.78 5.20 -15.86
N PHE A 89 -10.41 6.31 -16.27
CA PHE A 89 -11.86 6.42 -16.20
C PHE A 89 -12.54 5.57 -17.27
N ALA A 90 -11.93 5.47 -18.46
CA ALA A 90 -12.47 4.62 -19.50
C ALA A 90 -12.20 3.15 -19.27
N PHE A 91 -11.32 2.81 -18.34
CA PHE A 91 -11.26 1.43 -17.86
C PHE A 91 -12.23 1.18 -16.72
N ALA A 92 -12.45 2.21 -15.89
CA ALA A 92 -13.36 2.09 -14.75
C ALA A 92 -14.79 1.92 -15.20
N ASN A 93 -15.21 2.64 -16.24
CA ASN A 93 -16.56 2.43 -16.75
C ASN A 93 -16.68 1.11 -17.51
N ALA A 94 -15.61 0.68 -18.18
CA ALA A 94 -15.64 -0.59 -18.90
C ALA A 94 -15.75 -1.78 -17.96
N VAL A 95 -15.18 -1.68 -16.76
CA VAL A 95 -15.38 -2.71 -15.75
C VAL A 95 -16.65 -2.48 -14.92
N ALA A 96 -17.14 -1.24 -14.84
CA ALA A 96 -18.39 -0.98 -14.16
C ALA A 96 -19.59 -1.53 -14.93
N VAL A 97 -19.48 -1.60 -16.27
CA VAL A 97 -20.48 -2.31 -17.07
C VAL A 97 -20.61 -3.76 -16.60
N ALA A 98 -19.48 -4.42 -16.36
CA ALA A 98 -19.49 -5.78 -15.86
C ALA A 98 -20.09 -5.86 -14.48
N MET A 99 -19.82 -4.86 -13.64
CA MET A 99 -20.40 -4.84 -12.29
C MET A 99 -21.92 -4.71 -12.32
N TYR A 100 -22.45 -3.77 -13.10
CA TYR A 100 -23.90 -3.58 -13.16
C TYR A 100 -24.60 -4.76 -13.81
N VAL A 101 -24.03 -5.36 -14.85
CA VAL A 101 -24.71 -6.53 -15.41
C VAL A 101 -24.51 -7.79 -14.57
N VAL A 102 -23.47 -7.87 -13.74
CA VAL A 102 -23.37 -8.98 -12.78
C VAL A 102 -24.41 -8.82 -11.68
N GLY A 103 -24.66 -7.58 -11.24
CA GLY A 103 -25.73 -7.34 -10.28
C GLY A 103 -27.11 -7.64 -10.87
N PHE A 104 -27.32 -7.28 -12.14
CA PHE A 104 -28.57 -7.58 -12.82
C PHE A 104 -28.78 -9.09 -12.98
N ALA A 105 -27.72 -9.81 -13.39
CA ALA A 105 -27.82 -11.25 -13.53
C ALA A 105 -28.00 -11.95 -12.20
N GLU A 106 -27.40 -11.41 -11.14
CA GLU A 106 -27.60 -11.96 -9.80
C GLU A 106 -29.03 -11.77 -9.33
N THR A 107 -29.64 -10.62 -9.66
CA THR A 107 -31.04 -10.39 -9.33
C THR A 107 -31.96 -11.34 -10.10
N VAL A 108 -31.66 -11.56 -11.39
CA VAL A 108 -32.47 -12.47 -12.21
C VAL A 108 -32.32 -13.92 -11.72
N VAL A 109 -31.11 -14.30 -11.32
CA VAL A 109 -30.86 -15.66 -10.86
C VAL A 109 -31.51 -15.89 -9.49
N GLU A 110 -31.42 -14.91 -8.60
CA GLU A 110 -32.07 -15.05 -7.30
C GLU A 110 -33.59 -14.90 -7.39
N LEU A 111 -34.13 -14.39 -8.50
CA LEU A 111 -35.57 -14.49 -8.72
C LEU A 111 -35.96 -15.85 -9.27
N LEU A 112 -35.17 -16.40 -10.20
CA LEU A 112 -35.51 -17.69 -10.81
C LEU A 112 -35.25 -18.88 -9.90
N MET A 113 -34.34 -18.77 -8.93
CA MET A 113 -34.12 -19.90 -8.02
C MET A 113 -35.26 -20.04 -7.01
N ASP A 114 -35.99 -18.95 -6.75
CA ASP A 114 -37.20 -19.07 -5.95
C ASP A 114 -38.29 -19.80 -6.73
N SER A 115 -38.30 -19.68 -8.04
CA SER A 115 -39.15 -20.47 -8.90
C SER A 115 -38.45 -21.78 -9.27
N GLY A 116 -39.04 -22.49 -10.23
CA GLY A 116 -38.49 -23.77 -10.64
C GLY A 116 -37.38 -23.71 -11.67
N LEU A 117 -37.07 -22.52 -12.19
CA LEU A 117 -36.04 -22.40 -13.23
C LEU A 117 -34.64 -22.36 -12.61
N LEU A 118 -33.94 -23.49 -12.65
CA LEU A 118 -32.56 -23.60 -12.15
C LEU A 118 -31.82 -24.60 -13.02
N MET A 119 -31.07 -24.09 -14.01
CA MET A 119 -30.39 -24.97 -14.96
C MET A 119 -29.10 -25.53 -14.37
N ILE A 120 -28.18 -24.64 -13.98
CA ILE A 120 -26.87 -25.02 -13.45
C ILE A 120 -26.77 -24.35 -12.09
N ASP A 121 -25.58 -24.42 -11.48
CA ASP A 121 -25.34 -23.86 -10.15
C ASP A 121 -25.49 -22.33 -10.15
N GLN A 122 -25.49 -21.75 -8.95
CA GLN A 122 -25.77 -20.33 -8.79
C GLN A 122 -24.64 -19.48 -9.36
N THR A 123 -23.40 -19.89 -9.17
CA THR A 123 -22.26 -19.15 -9.71
C THR A 123 -22.01 -19.45 -11.18
N ASN A 124 -22.84 -20.27 -11.83
CA ASN A 124 -22.74 -20.52 -13.26
C ASN A 124 -23.97 -20.06 -14.02
N ASP A 125 -25.09 -19.84 -13.35
CA ASP A 125 -26.23 -19.20 -14.01
C ASP A 125 -26.00 -17.71 -14.20
N ILE A 126 -25.21 -17.09 -13.32
CA ILE A 126 -24.86 -15.68 -13.48
C ILE A 126 -23.91 -15.51 -14.67
N ARG A 127 -23.04 -16.50 -14.90
CA ARG A 127 -22.16 -16.48 -16.06
C ARG A 127 -22.92 -16.67 -17.37
N VAL A 128 -24.12 -17.24 -17.32
CA VAL A 128 -24.93 -17.41 -18.53
C VAL A 128 -25.82 -16.19 -18.74
N ILE A 129 -26.52 -15.76 -17.69
CA ILE A 129 -27.44 -14.62 -17.80
C ILE A 129 -26.66 -13.33 -17.99
N GLY A 130 -25.51 -13.20 -17.33
CA GLY A 130 -24.68 -12.02 -17.50
C GLY A 130 -24.02 -11.93 -18.86
N THR A 131 -23.84 -13.05 -19.54
CA THR A 131 -23.28 -13.03 -20.88
C THR A 131 -24.32 -12.60 -21.91
N ILE A 132 -25.57 -13.04 -21.76
CA ILE A 132 -26.62 -12.69 -22.70
C ILE A 132 -26.99 -11.21 -22.56
N THR A 133 -27.03 -10.70 -21.32
CA THR A 133 -27.42 -9.30 -21.12
C THR A 133 -26.31 -8.31 -21.46
N VAL A 134 -25.09 -8.77 -21.73
CA VAL A 134 -24.04 -7.87 -22.15
C VAL A 134 -23.86 -7.86 -23.66
N ILE A 135 -24.41 -8.85 -24.37
CA ILE A 135 -24.47 -8.78 -25.83
C ILE A 135 -25.79 -8.22 -26.30
N LEU A 136 -26.79 -8.12 -25.44
CA LEU A 136 -28.01 -7.39 -25.78
C LEU A 136 -27.86 -5.92 -25.45
N LEU A 137 -27.00 -5.60 -24.47
CA LEU A 137 -26.70 -4.20 -24.17
C LEU A 137 -25.71 -3.61 -25.15
N LEU A 138 -24.91 -4.44 -25.82
CA LEU A 138 -24.00 -3.92 -26.83
C LEU A 138 -24.75 -3.53 -28.09
N GLY A 139 -25.77 -4.31 -28.46
CA GLY A 139 -26.58 -3.98 -29.62
C GLY A 139 -27.43 -2.74 -29.42
N ILE A 140 -27.97 -2.58 -28.21
CA ILE A 140 -28.76 -1.39 -27.89
C ILE A 140 -27.89 -0.16 -27.69
N SER A 141 -26.58 -0.34 -27.54
CA SER A 141 -25.68 0.81 -27.44
C SER A 141 -25.21 1.26 -28.82
N VAL A 142 -25.22 0.37 -29.81
CA VAL A 142 -24.80 0.72 -31.17
C VAL A 142 -25.97 0.95 -32.11
N ALA A 143 -27.20 0.61 -31.70
CA ALA A 143 -28.36 0.79 -32.57
C ALA A 143 -29.55 1.40 -31.86
N GLY A 144 -29.39 1.89 -30.64
CA GLY A 144 -30.52 2.42 -29.89
C GLY A 144 -30.21 3.69 -29.13
N MET A 145 -29.31 4.53 -29.65
CA MET A 145 -28.95 5.76 -28.96
C MET A 145 -30.06 6.81 -29.05
N GLU A 146 -30.96 6.70 -30.02
CA GLU A 146 -32.03 7.69 -30.16
C GLU A 146 -33.14 7.50 -29.15
N TRP A 147 -33.30 6.28 -28.61
CA TRP A 147 -34.32 6.02 -27.60
C TRP A 147 -33.82 6.16 -26.17
N GLU A 148 -32.51 6.34 -25.98
CA GLU A 148 -31.96 6.37 -24.63
C GLU A 148 -32.34 7.64 -23.88
N ALA A 149 -32.23 8.80 -24.54
CA ALA A 149 -32.62 10.05 -23.90
C ALA A 149 -34.13 10.17 -23.75
N LYS A 150 -34.90 9.41 -24.53
CA LYS A 150 -36.34 9.37 -24.35
C LYS A 150 -36.75 8.44 -23.23
N ALA A 151 -36.00 7.35 -23.01
CA ALA A 151 -36.36 6.37 -22.01
C ALA A 151 -35.71 6.62 -20.65
N GLN A 152 -34.78 7.58 -20.55
CA GLN A 152 -34.15 7.87 -19.27
C GLN A 152 -35.15 8.43 -18.26
N ILE A 153 -36.10 9.25 -18.70
CA ILE A 153 -37.11 9.76 -17.76
C ILE A 153 -38.08 8.64 -17.35
N PHE A 154 -38.31 7.66 -18.22
CA PHE A 154 -39.14 6.51 -17.86
C PHE A 154 -38.43 5.62 -16.84
N LEU A 155 -37.12 5.44 -17.01
CA LEU A 155 -36.35 4.69 -16.03
C LEU A 155 -36.25 5.43 -14.70
N LEU A 156 -36.20 6.76 -14.74
CA LEU A 156 -36.16 7.52 -13.49
C LEU A 156 -37.50 7.48 -12.76
N VAL A 157 -38.62 7.53 -13.49
CA VAL A 157 -39.90 7.42 -12.79
C VAL A 157 -40.23 5.98 -12.41
N ILE A 158 -39.53 4.99 -12.97
CA ILE A 158 -39.56 3.66 -12.37
C ILE A 158 -38.77 3.65 -11.07
N LEU A 159 -37.58 4.26 -11.08
CA LEU A 159 -36.65 4.16 -9.96
C LEU A 159 -37.14 4.91 -8.72
N ILE A 160 -37.67 6.13 -8.91
CA ILE A 160 -38.15 6.93 -7.78
C ILE A 160 -39.40 6.31 -7.19
N THR A 161 -40.27 5.75 -8.03
CA THR A 161 -41.42 5.02 -7.52
C THR A 161 -41.01 3.73 -6.82
N ALA A 162 -39.89 3.11 -7.23
CA ALA A 162 -39.39 1.95 -6.51
C ALA A 162 -38.89 2.32 -5.11
N ILE A 163 -38.19 3.45 -5.00
CA ILE A 163 -37.69 3.91 -3.71
C ILE A 163 -38.85 4.30 -2.80
N PHE A 164 -39.84 5.02 -3.34
CA PHE A 164 -41.01 5.37 -2.55
C PHE A 164 -41.85 4.15 -2.18
N ASN A 165 -41.88 3.14 -3.04
CA ASN A 165 -42.57 1.89 -2.73
C ASN A 165 -41.88 1.17 -1.57
N TYR A 166 -40.55 1.12 -1.60
CA TYR A 166 -39.80 0.56 -0.47
C TYR A 166 -40.08 1.31 0.82
N PHE A 167 -40.16 2.65 0.75
CA PHE A 167 -40.36 3.43 1.97
C PHE A 167 -41.77 3.26 2.53
N ILE A 168 -42.80 3.41 1.68
CA ILE A 168 -44.17 3.25 2.16
C ILE A 168 -44.51 1.80 2.45
N GLY A 169 -43.70 0.83 2.01
CA GLY A 169 -43.79 -0.50 2.56
C GLY A 169 -43.09 -0.62 3.90
N SER A 170 -42.04 0.18 4.12
CA SER A 170 -41.32 0.13 5.39
C SER A 170 -42.12 0.74 6.53
N PHE A 171 -42.96 1.74 6.26
CA PHE A 171 -43.76 2.30 7.36
C PHE A 171 -44.88 1.36 7.80
N ILE A 172 -45.43 0.54 6.91
CA ILE A 172 -46.52 -0.35 7.31
C ILE A 172 -45.94 -1.57 8.00
N ALA A 173 -46.79 -2.33 8.70
CA ALA A 173 -46.37 -3.49 9.46
C ALA A 173 -47.28 -4.67 9.13
N VAL A 174 -46.71 -5.69 8.50
CA VAL A 174 -47.45 -6.89 8.10
C VAL A 174 -46.85 -8.09 8.83
N ASP A 175 -47.71 -8.82 9.55
CA ASP A 175 -47.23 -9.99 10.30
C ASP A 175 -46.87 -11.16 9.39
N SER A 176 -47.39 -11.19 8.17
CA SER A 176 -46.98 -12.22 7.22
C SER A 176 -45.57 -11.95 6.70
N LYS A 177 -45.15 -10.68 6.70
CA LYS A 177 -43.80 -10.30 6.31
C LYS A 177 -42.76 -10.60 7.38
N LYS A 178 -43.18 -10.96 8.59
CA LYS A 178 -42.26 -11.49 9.58
C LYS A 178 -41.80 -12.89 9.18
N LYS A 179 -40.77 -13.36 9.88
CA LYS A 179 -39.86 -14.50 9.71
C LYS A 179 -38.83 -14.26 8.60
N PHE A 180 -38.97 -13.19 7.80
CA PHE A 180 -37.91 -12.73 6.93
C PHE A 180 -37.20 -11.51 7.52
N GLY A 181 -37.35 -11.27 8.82
CA GLY A 181 -37.03 -9.98 9.38
C GLY A 181 -38.25 -9.10 9.22
N PHE A 182 -38.03 -7.78 9.19
CA PHE A 182 -39.06 -6.77 8.93
C PHE A 182 -40.22 -6.83 9.93
N PHE A 183 -39.92 -6.45 11.15
CA PHE A 183 -40.93 -5.95 12.05
C PHE A 183 -41.14 -4.46 11.77
N SER A 184 -41.90 -3.80 12.64
CA SER A 184 -42.21 -2.38 12.44
C SER A 184 -41.01 -1.53 12.85
N TYR A 185 -41.19 -0.20 12.86
CA TYR A 185 -40.16 0.71 13.34
C TYR A 185 -40.05 0.55 14.85
N ASP A 186 -39.08 -0.23 15.30
CA ASP A 186 -38.92 -0.59 16.70
C ASP A 186 -37.61 -0.04 17.22
N ALA A 187 -37.66 0.60 18.39
CA ALA A 187 -36.46 1.14 19.01
C ALA A 187 -35.53 0.05 19.52
N GLY A 188 -36.07 -1.15 19.81
CA GLY A 188 -35.22 -2.25 20.19
C GLY A 188 -34.36 -2.74 19.04
N ILE A 189 -34.96 -2.90 17.87
CA ILE A 189 -34.21 -3.30 16.68
C ILE A 189 -33.29 -2.18 16.22
N LEU A 190 -33.71 -0.92 16.43
CA LEU A 190 -32.87 0.23 16.10
C LEU A 190 -31.65 0.29 17.01
N ALA A 191 -31.81 -0.06 18.28
CA ALA A 191 -30.67 -0.08 19.18
C ALA A 191 -29.80 -1.31 18.96
N GLU A 192 -30.39 -2.42 18.51
CA GLU A 192 -29.62 -3.62 18.24
C GLU A 192 -28.77 -3.46 16.99
N ASN A 193 -29.33 -2.88 15.93
CA ASN A 193 -28.57 -2.67 14.71
C ASN A 193 -27.59 -1.51 14.82
N PHE A 194 -27.77 -0.64 15.82
CA PHE A 194 -26.82 0.45 16.04
C PHE A 194 -25.55 -0.13 16.64
N GLY A 195 -24.49 -0.21 15.83
CA GLY A 195 -23.29 -0.88 16.22
C GLY A 195 -22.96 -2.01 15.27
N PRO A 196 -21.67 -2.20 15.00
CA PRO A 196 -21.27 -3.13 13.94
C PRO A 196 -21.37 -4.59 14.35
N ASP A 197 -21.45 -5.45 13.34
CA ASP A 197 -21.32 -6.89 13.49
C ASP A 197 -20.12 -7.44 12.73
N PHE A 198 -20.01 -7.11 11.44
CA PHE A 198 -18.89 -7.45 10.55
C PHE A 198 -18.65 -8.97 10.49
N ARG A 199 -19.66 -9.65 9.98
CA ARG A 199 -19.62 -11.10 9.83
C ARG A 199 -18.91 -11.41 8.52
N GLY A 200 -17.62 -11.73 8.64
CA GLY A 200 -16.81 -12.02 7.47
C GLY A 200 -16.05 -10.84 6.92
N GLN A 201 -16.75 -9.71 6.76
CA GLN A 201 -16.12 -8.52 6.20
C GLN A 201 -15.58 -7.63 7.31
N THR A 202 -15.17 -6.42 6.93
CA THR A 202 -14.68 -5.41 7.85
C THR A 202 -14.98 -4.03 7.29
N PHE A 203 -14.77 -3.01 8.14
CA PHE A 203 -14.83 -1.63 7.66
C PHE A 203 -13.67 -1.40 6.70
N PHE A 204 -13.94 -0.59 5.66
CA PHE A 204 -13.16 -0.44 4.43
C PHE A 204 -13.07 -1.74 3.62
N SER A 205 -13.99 -2.67 3.89
CA SER A 205 -14.36 -3.70 2.94
C SER A 205 -15.87 -3.75 2.74
N VAL A 206 -16.64 -3.18 3.66
CA VAL A 206 -18.04 -2.85 3.41
C VAL A 206 -18.12 -1.51 2.67
N PHE A 207 -17.21 -0.58 2.96
CA PHE A 207 -17.13 0.68 2.24
C PHE A 207 -16.72 0.46 0.78
N SER A 208 -15.88 -0.53 0.52
CA SER A 208 -15.44 -0.81 -0.84
C SER A 208 -16.59 -1.34 -1.69
N ILE A 209 -17.49 -2.11 -1.08
CA ILE A 209 -18.68 -2.57 -1.78
C ILE A 209 -19.73 -1.46 -1.85
N PHE A 210 -19.70 -0.50 -0.92
CA PHE A 210 -20.66 0.60 -1.02
C PHE A 210 -20.29 1.58 -2.12
N PHE A 211 -18.99 1.93 -2.22
CA PHE A 211 -18.58 3.10 -2.97
C PHE A 211 -18.95 3.13 -4.46
N PRO A 212 -19.09 2.02 -5.19
CA PRO A 212 -19.71 2.11 -6.53
C PRO A 212 -21.17 2.57 -6.55
N ALA A 213 -21.86 2.64 -5.41
CA ALA A 213 -23.16 3.30 -5.40
C ALA A 213 -23.04 4.82 -5.40
N ALA A 214 -21.86 5.37 -5.16
CA ALA A 214 -21.64 6.80 -5.23
C ALA A 214 -20.98 7.23 -6.53
N THR A 215 -20.45 6.30 -7.31
CA THR A 215 -19.77 6.64 -8.56
C THR A 215 -20.79 6.90 -9.65
N GLY A 216 -20.33 7.58 -10.70
CA GLY A 216 -21.19 8.02 -11.77
C GLY A 216 -21.47 9.50 -11.77
N ILE A 217 -20.71 10.29 -11.00
CA ILE A 217 -20.93 11.72 -10.92
C ILE A 217 -20.44 12.47 -12.14
N LEU A 218 -19.68 11.82 -13.01
CA LEU A 218 -19.21 12.43 -14.24
C LEU A 218 -20.14 12.15 -15.42
N ALA A 219 -21.41 11.80 -15.15
CA ALA A 219 -22.36 11.59 -16.23
C ALA A 219 -22.87 12.90 -16.80
N GLY A 220 -22.71 14.00 -16.07
CA GLY A 220 -23.05 15.31 -16.59
C GLY A 220 -21.91 15.88 -17.40
N ALA A 221 -20.68 15.69 -16.92
CA ALA A 221 -19.52 16.22 -17.62
C ALA A 221 -19.15 15.41 -18.86
N ASN A 222 -19.66 14.18 -18.98
CA ASN A 222 -19.33 13.35 -20.14
C ASN A 222 -20.06 13.81 -21.39
N ILE A 223 -21.14 14.57 -21.24
CA ILE A 223 -21.86 15.15 -22.37
C ILE A 223 -21.79 16.66 -22.22
N SER A 224 -20.84 17.28 -22.90
CA SER A 224 -20.69 18.73 -22.90
C SER A 224 -21.29 19.38 -24.15
N GLY A 225 -21.10 18.77 -25.32
CA GLY A 225 -21.70 19.29 -26.54
C GLY A 225 -23.19 19.07 -26.62
N ASP A 226 -23.71 18.07 -25.92
CA ASP A 226 -25.15 17.84 -25.87
C ASP A 226 -25.89 18.86 -25.01
N LEU A 227 -25.19 19.61 -24.18
CA LEU A 227 -25.81 20.54 -23.26
C LEU A 227 -26.03 21.89 -23.92
N ALA A 228 -26.66 22.80 -23.18
CA ALA A 228 -26.85 24.17 -23.63
C ALA A 228 -25.75 25.09 -23.10
N ASP A 229 -25.61 25.15 -21.77
CA ASP A 229 -24.58 25.98 -21.12
C ASP A 229 -23.88 25.13 -20.08
N PRO A 230 -22.67 24.64 -20.39
CA PRO A 230 -21.94 23.83 -19.40
C PRO A 230 -21.41 24.60 -18.20
N GLN A 231 -21.49 25.93 -18.21
CA GLN A 231 -21.07 26.71 -17.05
C GLN A 231 -22.12 26.73 -15.94
N MET A 232 -23.39 26.52 -16.27
CA MET A 232 -24.47 26.56 -15.30
C MET A 232 -25.16 25.22 -15.09
N ALA A 233 -24.94 24.23 -15.97
CA ALA A 233 -25.63 22.96 -15.91
C ALA A 233 -24.85 21.90 -15.16
N ILE A 234 -23.53 21.89 -15.28
CA ILE A 234 -22.71 20.82 -14.73
C ILE A 234 -22.48 20.98 -13.22
N PRO A 235 -22.20 22.16 -12.64
CA PRO A 235 -22.18 22.21 -11.17
C PRO A 235 -23.54 22.05 -10.53
N LYS A 236 -24.57 22.72 -11.08
CA LYS A 236 -25.88 22.75 -10.44
C LYS A 236 -26.59 21.41 -10.55
N GLY A 237 -26.17 20.55 -11.47
CA GLY A 237 -26.73 19.24 -11.58
C GLY A 237 -25.99 18.21 -10.75
N THR A 238 -24.66 18.23 -10.83
CA THR A 238 -23.84 17.25 -10.12
C THR A 238 -23.91 17.45 -8.61
N LEU A 239 -23.70 18.68 -8.15
CA LEU A 239 -23.68 18.91 -6.70
C LEU A 239 -25.08 18.95 -6.09
N LEU A 240 -26.13 18.80 -6.89
CA LEU A 240 -27.47 18.55 -6.37
C LEU A 240 -27.83 17.07 -6.40
N ALA A 241 -27.44 16.35 -7.47
CA ALA A 241 -27.71 14.93 -7.55
C ALA A 241 -26.92 14.15 -6.52
N ILE A 242 -25.71 14.61 -6.18
CA ILE A 242 -24.91 13.94 -5.14
C ILE A 242 -25.59 14.09 -3.78
N LEU A 243 -26.13 15.28 -3.50
CA LEU A 243 -26.83 15.51 -2.24
C LEU A 243 -28.12 14.70 -2.16
N ILE A 244 -28.87 14.63 -3.29
CA ILE A 244 -30.12 13.88 -3.31
C ILE A 244 -29.86 12.39 -3.10
N THR A 245 -28.87 11.83 -3.81
CA THR A 245 -28.58 10.42 -3.66
C THR A 245 -27.96 10.10 -2.30
N GLY A 246 -27.22 11.04 -1.72
CA GLY A 246 -26.70 10.83 -0.37
C GLY A 246 -27.79 10.81 0.68
N LEU A 247 -28.78 11.70 0.55
CA LEU A 247 -29.92 11.67 1.47
C LEU A 247 -30.77 10.41 1.28
N VAL A 248 -30.90 9.93 0.04
CA VAL A 248 -31.65 8.70 -0.21
C VAL A 248 -30.90 7.49 0.36
N TYR A 249 -29.56 7.48 0.26
CA TYR A 249 -28.79 6.38 0.83
C TYR A 249 -28.84 6.39 2.36
N VAL A 250 -28.78 7.57 2.97
CA VAL A 250 -28.89 7.69 4.42
C VAL A 250 -30.28 7.25 4.89
N GLY A 251 -31.33 7.65 4.17
CA GLY A 251 -32.67 7.26 4.53
C GLY A 251 -32.93 5.77 4.37
N VAL A 252 -32.37 5.18 3.30
CA VAL A 252 -32.53 3.74 3.09
C VAL A 252 -31.73 2.95 4.14
N ALA A 253 -30.57 3.47 4.55
CA ALA A 253 -29.78 2.81 5.59
C ALA A 253 -30.50 2.85 6.94
N ILE A 254 -31.04 4.01 7.32
CA ILE A 254 -31.73 4.13 8.59
C ILE A 254 -33.04 3.34 8.58
N SER A 255 -33.75 3.33 7.44
CA SER A 255 -34.99 2.58 7.33
C SER A 255 -34.74 1.08 7.36
N ALA A 256 -33.67 0.62 6.72
CA ALA A 256 -33.36 -0.80 6.73
C ALA A 256 -32.77 -1.26 8.05
N GLY A 257 -32.15 -0.36 8.81
CA GLY A 257 -31.61 -0.75 10.09
C GLY A 257 -32.60 -0.68 11.22
N ALA A 258 -33.57 0.23 11.11
CA ALA A 258 -34.50 0.49 12.21
C ALA A 258 -35.71 -0.44 12.22
N CYS A 259 -35.84 -1.35 11.25
CA CYS A 259 -36.99 -2.24 11.25
C CYS A 259 -36.69 -3.68 10.88
N ILE A 260 -35.45 -4.03 10.54
CA ILE A 260 -35.11 -5.38 10.12
C ILE A 260 -34.06 -5.93 11.07
N VAL A 261 -34.24 -7.18 11.50
CA VAL A 261 -33.26 -7.85 12.35
C VAL A 261 -32.15 -8.39 11.47
N ARG A 262 -31.03 -8.78 12.07
CA ARG A 262 -29.87 -9.19 11.28
C ARG A 262 -29.97 -10.64 10.82
N ASP A 263 -30.70 -11.49 11.55
CA ASP A 263 -30.86 -12.88 11.16
C ASP A 263 -32.28 -13.32 11.49
N ALA A 264 -32.84 -14.15 10.62
CA ALA A 264 -34.23 -14.58 10.77
C ALA A 264 -34.41 -15.95 10.15
N THR A 265 -34.92 -16.89 10.95
CA THR A 265 -35.20 -18.23 10.48
C THR A 265 -36.36 -18.21 9.49
N GLY A 266 -36.19 -18.91 8.37
CA GLY A 266 -37.23 -18.95 7.36
C GLY A 266 -38.30 -19.98 7.60
N ILE A 267 -38.87 -20.00 8.82
CA ILE A 267 -39.94 -20.92 9.18
C ILE A 267 -40.94 -20.16 10.06
N GLU A 268 -42.21 -20.27 9.71
CA GLU A 268 -43.24 -19.58 10.46
C GLU A 268 -43.52 -20.30 11.79
N SER A 269 -43.68 -19.51 12.84
CA SER A 269 -43.92 -20.03 14.19
C SER A 269 -45.37 -19.77 14.56
N ASN A 270 -46.24 -20.70 14.15
CA ASN A 270 -47.65 -20.60 14.54
C ASN A 270 -47.89 -21.30 15.87
N PHE A 271 -47.13 -22.35 16.18
CA PHE A 271 -47.06 -22.86 17.54
C PHE A 271 -46.09 -21.99 18.32
N THR A 272 -46.51 -21.53 19.51
CA THR A 272 -45.80 -20.57 20.37
C THR A 272 -45.45 -19.31 19.58
N LEU A 273 -46.51 -18.61 19.15
CA LEU A 273 -46.36 -17.41 18.33
C LEU A 273 -45.71 -16.28 19.12
N ILE A 274 -46.02 -16.17 20.41
CA ILE A 274 -45.44 -15.17 21.28
C ILE A 274 -44.46 -15.87 22.22
N SER A 275 -43.17 -15.62 22.03
CA SER A 275 -42.12 -16.25 22.81
C SER A 275 -41.28 -15.19 23.49
N ASN A 276 -41.26 -15.22 24.83
CA ASN A 276 -40.51 -14.26 25.61
C ASN A 276 -39.65 -14.88 26.71
N CYS A 277 -39.64 -16.20 26.84
CA CYS A 277 -38.77 -16.83 27.83
C CYS A 277 -37.32 -16.82 27.37
N THR A 278 -36.43 -16.42 28.28
CA THR A 278 -35.00 -16.14 28.04
C THR A 278 -34.80 -15.24 26.82
N ASP A 279 -35.46 -14.08 26.87
CA ASP A 279 -35.45 -13.13 25.78
C ASP A 279 -34.25 -12.20 25.90
N ALA A 280 -33.73 -11.77 24.74
CA ALA A 280 -32.63 -10.82 24.69
C ALA A 280 -33.05 -9.48 24.09
N ALA A 281 -33.56 -9.49 22.86
CA ALA A 281 -33.99 -8.28 22.17
C ALA A 281 -34.94 -8.69 21.05
N CYS A 282 -35.63 -7.68 20.48
CA CYS A 282 -36.48 -7.76 19.27
C CYS A 282 -37.51 -8.89 19.33
N LYS A 283 -38.12 -9.06 20.50
CA LYS A 283 -39.01 -10.20 20.75
C LYS A 283 -40.48 -9.81 20.61
N TYR A 284 -40.97 -9.90 19.38
CA TYR A 284 -42.38 -10.12 19.12
C TYR A 284 -42.69 -11.60 19.02
N GLY A 285 -41.69 -12.46 19.21
CA GLY A 285 -41.82 -13.88 19.00
C GLY A 285 -40.77 -14.40 18.05
N TYR A 286 -41.07 -15.55 17.43
CA TYR A 286 -40.41 -16.21 16.31
C TYR A 286 -39.06 -16.84 16.66
N ASP A 287 -38.52 -16.54 17.84
CA ASP A 287 -37.34 -17.16 18.47
C ASP A 287 -36.14 -17.20 17.49
N PHE A 288 -35.59 -16.01 17.24
CA PHE A 288 -34.52 -15.87 16.25
C PHE A 288 -33.14 -16.13 16.82
N SER A 289 -33.03 -16.93 17.88
CA SER A 289 -31.74 -17.49 18.28
C SER A 289 -31.42 -18.68 17.37
N SER A 290 -30.23 -19.25 17.56
CA SER A 290 -29.67 -20.40 16.84
C SER A 290 -29.45 -20.15 15.35
N CYS A 291 -29.62 -18.91 14.87
CA CYS A 291 -29.14 -18.51 13.55
C CYS A 291 -27.89 -17.66 13.62
N ARG A 292 -27.70 -16.89 14.67
CA ARG A 292 -26.43 -16.23 14.91
C ARG A 292 -25.40 -17.30 15.27
N PRO A 293 -24.25 -17.35 14.61
CA PRO A 293 -23.31 -18.46 14.84
C PRO A 293 -22.57 -18.31 16.16
N THR A 294 -22.32 -19.46 16.80
CA THR A 294 -21.56 -19.47 18.04
C THR A 294 -20.09 -19.18 17.76
N VAL A 295 -19.56 -19.70 16.66
CA VAL A 295 -18.18 -19.41 16.27
C VAL A 295 -18.14 -18.01 15.66
N GLU A 296 -16.95 -17.42 15.64
CA GLU A 296 -16.76 -16.08 15.09
C GLU A 296 -16.37 -16.09 13.62
N GLY A 297 -16.70 -17.15 12.88
CA GLY A 297 -16.33 -17.26 11.49
C GLY A 297 -17.29 -16.52 10.58
N GLU A 298 -17.08 -16.72 9.27
CA GLU A 298 -17.91 -16.08 8.27
C GLU A 298 -19.23 -16.80 8.02
N VAL A 299 -19.37 -18.02 8.52
CA VAL A 299 -20.56 -18.83 8.24
C VAL A 299 -21.71 -18.34 9.10
N SER A 300 -22.93 -18.44 8.55
CA SER A 300 -24.14 -18.10 9.28
C SER A 300 -25.24 -19.03 8.77
N SER A 301 -25.66 -19.96 9.64
CA SER A 301 -26.61 -21.01 9.26
C SER A 301 -28.03 -20.45 9.28
N CYS A 302 -28.30 -19.55 8.33
CA CYS A 302 -29.61 -18.92 8.22
C CYS A 302 -29.85 -18.67 6.74
N LYS A 303 -31.01 -18.11 6.42
CA LYS A 303 -31.35 -17.83 5.04
C LYS A 303 -31.92 -16.44 4.78
N PHE A 304 -32.30 -15.69 5.81
CA PHE A 304 -32.90 -14.37 5.62
C PHE A 304 -32.33 -13.40 6.65
N GLY A 305 -32.93 -12.23 6.73
CA GLY A 305 -32.48 -11.17 7.60
C GLY A 305 -31.73 -10.10 6.82
N LEU A 306 -30.82 -9.44 7.54
CA LEU A 306 -29.97 -8.42 6.93
C LEU A 306 -28.64 -8.97 6.44
N HIS A 307 -28.29 -10.20 6.80
CA HIS A 307 -26.94 -10.71 6.59
C HIS A 307 -26.83 -11.76 5.49
N ASN A 308 -27.92 -12.41 5.11
CA ASN A 308 -27.83 -13.67 4.38
C ASN A 308 -28.49 -13.65 3.01
N ASP A 309 -29.63 -12.98 2.87
CA ASP A 309 -30.48 -13.21 1.70
C ASP A 309 -30.20 -12.29 0.52
N PHE A 310 -29.56 -11.13 0.75
CA PHE A 310 -29.13 -10.12 -0.23
C PHE A 310 -30.28 -9.39 -0.90
N GLN A 311 -31.55 -9.74 -0.62
CA GLN A 311 -32.66 -9.27 -1.42
C GLN A 311 -33.85 -8.82 -0.58
N VAL A 312 -33.62 -8.41 0.68
CA VAL A 312 -34.72 -8.23 1.63
C VAL A 312 -35.54 -6.97 1.34
N MET A 313 -35.07 -6.09 0.45
CA MET A 313 -35.87 -4.93 0.07
C MET A 313 -37.08 -5.29 -0.77
N SER A 314 -37.16 -6.52 -1.29
CA SER A 314 -38.40 -6.97 -1.92
C SER A 314 -39.51 -7.15 -0.88
N VAL A 315 -39.21 -7.83 0.23
CA VAL A 315 -40.24 -8.12 1.23
C VAL A 315 -40.53 -6.93 2.13
N VAL A 316 -39.68 -5.92 2.17
CA VAL A 316 -40.02 -4.71 2.92
C VAL A 316 -40.94 -3.81 2.10
N SER A 317 -40.73 -3.77 0.79
CA SER A 317 -41.54 -2.93 -0.10
C SER A 317 -42.97 -3.44 -0.16
N GLY A 318 -43.88 -2.55 -0.60
CA GLY A 318 -45.29 -2.89 -0.62
C GLY A 318 -45.63 -3.90 -1.71
N PHE A 319 -45.09 -3.70 -2.91
CA PHE A 319 -45.30 -4.62 -4.03
C PHE A 319 -43.93 -4.89 -4.65
N SER A 320 -43.41 -6.10 -4.40
CA SER A 320 -42.07 -6.44 -4.92
C SER A 320 -42.04 -6.66 -6.44
N PRO A 321 -42.73 -7.67 -7.02
CA PRO A 321 -42.24 -8.25 -8.29
C PRO A 321 -42.32 -7.36 -9.52
N LEU A 322 -42.94 -6.18 -9.44
CA LEU A 322 -42.93 -5.27 -10.58
C LEU A 322 -42.43 -3.89 -10.19
N ILE A 323 -42.83 -3.41 -9.02
CA ILE A 323 -42.45 -2.07 -8.59
C ILE A 323 -41.06 -2.06 -7.96
N SER A 324 -40.76 -3.03 -7.10
CA SER A 324 -39.40 -3.18 -6.60
C SER A 324 -38.54 -4.01 -7.54
N ALA A 325 -39.05 -4.33 -8.73
CA ALA A 325 -38.24 -4.85 -9.83
C ALA A 325 -37.65 -3.74 -10.69
N GLY A 326 -37.50 -2.54 -10.12
CA GLY A 326 -36.69 -1.47 -10.64
C GLY A 326 -35.22 -1.64 -10.35
N ILE A 327 -34.84 -2.77 -9.75
CA ILE A 327 -33.45 -3.21 -9.75
C ILE A 327 -32.97 -3.36 -11.18
N PHE A 328 -33.81 -3.93 -12.05
CA PHE A 328 -33.47 -4.12 -13.46
C PHE A 328 -33.29 -2.78 -14.15
N SER A 329 -34.17 -1.82 -13.84
CA SER A 329 -34.08 -0.48 -14.43
C SER A 329 -32.80 0.23 -14.01
N ALA A 330 -32.46 0.16 -12.72
CA ALA A 330 -31.26 0.82 -12.21
C ALA A 330 -29.99 0.20 -12.78
N THR A 331 -29.92 -1.13 -12.77
CA THR A 331 -28.73 -1.82 -13.26
C THR A 331 -28.55 -1.65 -14.77
N LEU A 332 -29.62 -1.78 -15.55
CA LEU A 332 -29.49 -1.63 -16.98
C LEU A 332 -29.28 -0.18 -17.39
N SER A 333 -29.84 0.79 -16.65
CA SER A 333 -29.61 2.18 -16.96
C SER A 333 -28.18 2.60 -16.62
N SER A 334 -27.64 2.11 -15.51
CA SER A 334 -26.27 2.43 -15.16
C SER A 334 -25.28 1.73 -16.08
N ALA A 335 -25.58 0.50 -16.50
CA ALA A 335 -24.72 -0.20 -17.44
C ALA A 335 -24.80 0.41 -18.84
N LEU A 336 -25.95 0.98 -19.20
CA LEU A 336 -26.07 1.66 -20.48
C LEU A 336 -25.32 2.99 -20.46
N ALA A 337 -25.42 3.73 -19.35
CA ALA A 337 -24.69 4.99 -19.23
C ALA A 337 -23.20 4.78 -19.03
N SER A 338 -22.77 3.59 -18.62
CA SER A 338 -21.35 3.27 -18.58
C SER A 338 -20.86 2.54 -19.82
N LEU A 339 -21.77 2.08 -20.68
CA LEU A 339 -21.37 1.40 -21.91
C LEU A 339 -21.26 2.36 -23.08
N VAL A 340 -21.97 3.49 -23.04
CA VAL A 340 -21.82 4.50 -24.08
C VAL A 340 -20.83 5.59 -23.69
N SER A 341 -20.24 5.51 -22.50
CA SER A 341 -19.28 6.51 -22.04
C SER A 341 -17.89 5.92 -21.82
N ALA A 342 -17.74 4.61 -21.87
CA ALA A 342 -16.40 4.01 -21.81
C ALA A 342 -15.68 4.04 -23.18
N PRO A 343 -16.31 3.77 -24.33
CA PRO A 343 -15.61 4.03 -25.59
C PRO A 343 -15.59 5.49 -26.00
N LYS A 344 -16.54 6.30 -25.52
CA LYS A 344 -16.64 7.70 -25.92
C LYS A 344 -15.42 8.49 -25.46
N VAL A 345 -15.06 8.35 -24.18
CA VAL A 345 -13.81 8.89 -23.67
C VAL A 345 -12.63 8.22 -24.35
N PHE A 346 -12.76 6.93 -24.66
CA PHE A 346 -11.67 6.21 -25.30
C PHE A 346 -11.50 6.62 -26.76
N GLN A 347 -12.61 6.89 -27.46
CA GLN A 347 -12.52 7.40 -28.82
C GLN A 347 -11.98 8.82 -28.84
N ALA A 348 -12.35 9.65 -27.85
CA ALA A 348 -11.80 11.00 -27.77
C ALA A 348 -10.32 10.97 -27.41
N LEU A 349 -9.86 9.93 -26.73
CA LEU A 349 -8.46 9.80 -26.39
C LEU A 349 -7.66 9.24 -27.56
N CYS A 350 -8.26 8.36 -28.36
CA CYS A 350 -7.56 7.78 -29.49
C CYS A 350 -7.55 8.68 -30.73
N LYS A 351 -8.38 9.72 -30.77
CA LYS A 351 -8.33 10.65 -31.90
C LYS A 351 -7.10 11.55 -31.82
N ASP A 352 -6.90 12.19 -30.67
CA ASP A 352 -5.66 12.92 -30.40
C ASP A 352 -4.61 11.88 -30.08
N ASN A 353 -3.73 11.61 -31.05
CA ASN A 353 -2.80 10.48 -30.99
C ASN A 353 -1.77 10.68 -29.90
N ILE A 354 -1.93 9.96 -28.79
CA ILE A 354 -1.03 10.04 -27.65
C ILE A 354 -0.27 8.75 -27.45
N TYR A 355 -0.98 7.64 -27.26
CA TYR A 355 -0.39 6.33 -27.00
C TYR A 355 -0.17 5.59 -28.32
N PRO A 356 0.97 4.87 -28.45
CA PRO A 356 1.38 4.36 -29.78
C PRO A 356 0.50 3.27 -30.37
N GLY A 357 0.24 2.19 -29.63
CA GLY A 357 -0.48 1.06 -30.18
C GLY A 357 -1.95 1.09 -29.86
N ILE A 358 -2.53 2.29 -29.81
CA ILE A 358 -3.93 2.44 -29.43
C ILE A 358 -4.78 3.13 -30.49
N ALA A 359 -4.19 3.69 -31.55
CA ALA A 359 -4.94 4.54 -32.46
C ALA A 359 -5.84 3.75 -33.40
N ILE A 360 -5.76 2.41 -33.37
CA ILE A 360 -6.67 1.60 -34.17
C ILE A 360 -8.08 1.62 -33.60
N PHE A 361 -8.24 1.96 -32.32
CA PHE A 361 -9.55 2.08 -31.70
C PHE A 361 -10.09 3.50 -31.79
N GLY A 362 -10.10 4.07 -33.00
CA GLY A 362 -10.59 5.40 -33.20
C GLY A 362 -11.46 5.53 -34.44
N LYS A 363 -11.54 4.45 -35.23
CA LYS A 363 -12.33 4.44 -36.45
C LYS A 363 -13.80 4.29 -36.05
N GLY A 364 -14.48 5.41 -35.87
CA GLY A 364 -15.89 5.39 -35.57
C GLY A 364 -16.73 5.02 -36.77
N TYR A 365 -17.28 3.81 -36.77
CA TYR A 365 -18.11 3.34 -37.86
C TYR A 365 -19.52 3.92 -37.74
N GLY A 366 -20.38 3.54 -38.68
CA GLY A 366 -21.76 3.96 -38.65
C GLY A 366 -21.95 5.39 -39.13
N LYS A 367 -23.14 5.92 -38.83
CA LYS A 367 -23.51 7.25 -39.28
C LYS A 367 -23.09 8.33 -38.28
N ASN A 368 -23.28 8.08 -36.99
CA ASN A 368 -22.98 9.06 -35.95
C ASN A 368 -21.56 8.94 -35.40
N ASN A 369 -20.67 8.27 -36.14
CA ASN A 369 -19.27 8.02 -35.76
C ASN A 369 -19.17 7.31 -34.42
N GLU A 370 -19.96 6.25 -34.28
CA GLU A 370 -19.95 5.44 -33.06
C GLU A 370 -18.77 4.49 -33.14
N PRO A 371 -17.84 4.52 -32.17
CA PRO A 371 -16.62 3.70 -32.29
C PRO A 371 -16.87 2.23 -32.03
N LEU A 372 -16.88 1.42 -33.09
CA LEU A 372 -17.20 0.00 -32.93
C LEU A 372 -16.05 -0.79 -32.32
N ARG A 373 -14.80 -0.41 -32.61
CA ARG A 373 -13.68 -1.07 -31.95
C ARG A 373 -13.52 -0.64 -30.49
N GLY A 374 -14.05 0.52 -30.12
CA GLY A 374 -14.09 0.88 -28.72
C GLY A 374 -15.16 0.10 -27.98
N TYR A 375 -16.32 -0.04 -28.63
CA TYR A 375 -17.40 -0.85 -28.08
C TYR A 375 -17.01 -2.31 -27.93
N PHE A 376 -16.26 -2.85 -28.88
CA PHE A 376 -15.86 -4.25 -28.79
C PHE A 376 -14.78 -4.47 -27.74
N LEU A 377 -13.91 -3.48 -27.52
CA LEU A 377 -12.91 -3.63 -26.45
C LEU A 377 -13.54 -3.45 -25.08
N THR A 378 -14.52 -2.55 -24.96
CA THR A 378 -15.29 -2.43 -23.72
C THR A 378 -16.08 -3.70 -23.44
N PHE A 379 -16.66 -4.30 -24.50
CA PHE A 379 -17.35 -5.58 -24.36
C PHE A 379 -16.40 -6.69 -23.97
N GLY A 380 -15.16 -6.67 -24.48
CA GLY A 380 -14.18 -7.68 -24.11
C GLY A 380 -13.76 -7.57 -22.66
N ILE A 381 -13.53 -6.35 -22.17
CA ILE A 381 -13.15 -6.15 -20.78
C ILE A 381 -14.32 -6.48 -19.85
N ALA A 382 -15.53 -6.09 -20.25
CA ALA A 382 -16.73 -6.40 -19.46
C ALA A 382 -16.97 -7.90 -19.38
N LEU A 383 -16.89 -8.60 -20.51
CA LEU A 383 -17.06 -10.05 -20.50
C LEU A 383 -15.91 -10.77 -19.83
N ALA A 384 -14.73 -10.14 -19.76
CA ALA A 384 -13.65 -10.72 -18.97
C ALA A 384 -13.91 -10.57 -17.48
N PHE A 385 -14.67 -9.57 -17.08
CA PHE A 385 -14.98 -9.45 -15.65
C PHE A 385 -16.36 -9.99 -15.26
N ILE A 386 -17.21 -10.39 -16.19
CA ILE A 386 -18.47 -11.04 -15.81
C ILE A 386 -18.21 -12.45 -15.30
N LEU A 387 -17.18 -13.12 -15.84
CA LEU A 387 -16.86 -14.51 -15.50
C LEU A 387 -16.46 -14.70 -14.04
N ILE A 388 -16.08 -13.64 -13.33
CA ILE A 388 -15.98 -13.69 -11.87
C ILE A 388 -17.36 -13.31 -11.35
N ALA A 389 -18.25 -14.29 -11.32
CA ALA A 389 -19.67 -14.04 -11.11
C ALA A 389 -20.00 -13.93 -9.62
N GLU A 390 -19.52 -12.85 -9.02
CA GLU A 390 -19.80 -12.54 -7.62
C GLU A 390 -19.62 -11.04 -7.43
N LEU A 391 -20.68 -10.34 -7.02
CA LEU A 391 -20.66 -8.89 -6.98
C LEU A 391 -19.74 -8.37 -5.89
N ASN A 392 -19.62 -9.12 -4.79
CA ASN A 392 -18.80 -8.74 -3.65
C ASN A 392 -17.31 -8.80 -3.94
N VAL A 393 -16.90 -9.41 -5.06
CA VAL A 393 -15.51 -9.42 -5.47
C VAL A 393 -15.26 -8.62 -6.73
N ILE A 394 -16.32 -8.23 -7.46
CA ILE A 394 -16.16 -7.26 -8.54
C ILE A 394 -16.08 -5.85 -7.98
N ALA A 395 -16.88 -5.56 -6.95
CA ALA A 395 -16.97 -4.19 -6.44
C ALA A 395 -15.69 -3.59 -5.84
N PRO A 396 -14.77 -4.35 -5.15
CA PRO A 396 -13.49 -3.71 -4.75
C PRO A 396 -12.54 -3.39 -5.89
N ILE A 397 -12.88 -3.74 -7.13
CA ILE A 397 -12.13 -3.33 -8.30
C ILE A 397 -12.68 -2.05 -8.89
N ILE A 398 -14.01 -1.94 -8.98
CA ILE A 398 -14.66 -0.73 -9.45
C ILE A 398 -14.41 0.42 -8.49
N SER A 399 -14.45 0.13 -7.19
CA SER A 399 -14.10 1.12 -6.18
C SER A 399 -12.66 1.58 -6.30
N ASN A 400 -11.74 0.67 -6.60
CA ASN A 400 -10.33 1.01 -6.76
C ASN A 400 -10.09 1.91 -7.96
N PHE A 401 -10.67 1.57 -9.11
CA PHE A 401 -10.43 2.39 -10.30
C PHE A 401 -11.19 3.72 -10.25
N PHE A 402 -12.37 3.76 -9.64
CA PHE A 402 -13.05 5.05 -9.53
C PHE A 402 -12.41 5.94 -8.47
N LEU A 403 -11.84 5.37 -7.41
CA LEU A 403 -11.05 6.19 -6.50
C LEU A 403 -9.76 6.66 -7.15
N ALA A 404 -9.21 5.89 -8.10
CA ALA A 404 -8.04 6.35 -8.82
C ALA A 404 -8.37 7.53 -9.74
N SER A 405 -9.49 7.44 -10.47
CA SER A 405 -9.90 8.56 -11.33
C SER A 405 -10.30 9.78 -10.51
N TYR A 406 -10.96 9.57 -9.37
CA TYR A 406 -11.39 10.69 -8.56
C TYR A 406 -10.26 11.25 -7.70
N ALA A 407 -9.15 10.52 -7.57
CA ALA A 407 -7.95 11.11 -6.99
C ALA A 407 -7.17 11.87 -8.04
N LEU A 408 -7.18 11.38 -9.29
CA LEU A 408 -6.47 12.06 -10.36
C LEU A 408 -7.11 13.39 -10.73
N ILE A 409 -8.44 13.47 -10.70
CA ILE A 409 -9.12 14.75 -10.97
C ILE A 409 -8.83 15.75 -9.87
N ASN A 410 -9.01 15.33 -8.61
CA ASN A 410 -8.80 16.21 -7.47
C ASN A 410 -7.33 16.55 -7.25
N PHE A 411 -6.41 15.79 -7.83
CA PHE A 411 -5.00 16.20 -7.80
C PHE A 411 -4.62 17.05 -9.00
N SER A 412 -5.26 16.84 -10.15
CA SER A 412 -4.92 17.63 -11.33
C SER A 412 -5.42 19.07 -11.19
N VAL A 413 -6.60 19.25 -10.58
CA VAL A 413 -7.07 20.62 -10.38
C VAL A 413 -6.25 21.32 -9.31
N PHE A 414 -5.74 20.58 -8.32
CA PHE A 414 -4.89 21.19 -7.31
C PHE A 414 -3.54 21.56 -7.89
N HIS A 415 -2.98 20.70 -8.75
CA HIS A 415 -1.71 21.00 -9.39
C HIS A 415 -1.84 22.14 -10.38
N ALA A 416 -3.00 22.28 -11.03
CA ALA A 416 -3.21 23.41 -11.92
C ALA A 416 -3.38 24.71 -11.16
N SER A 417 -4.11 24.69 -10.05
CA SER A 417 -4.30 25.89 -9.27
C SER A 417 -3.10 26.24 -8.40
N LEU A 418 -2.17 25.30 -8.21
CA LEU A 418 -0.94 25.59 -7.48
C LEU A 418 0.21 26.00 -8.39
N ALA A 419 0.40 25.30 -9.52
CA ALA A 419 1.46 25.68 -10.44
C ALA A 419 1.09 26.89 -11.29
N ASN A 420 -0.17 27.34 -11.22
CA ASN A 420 -0.70 28.52 -11.90
C ASN A 420 -0.53 28.38 -13.42
N SER A 421 -1.23 27.38 -13.96
CA SER A 421 -1.25 27.16 -15.40
C SER A 421 -1.88 28.35 -16.11
N PRO A 422 -1.41 28.66 -17.33
CA PRO A 422 -1.91 29.87 -18.02
C PRO A 422 -3.37 29.79 -18.42
N GLY A 423 -3.87 28.60 -18.74
CA GLY A 423 -5.25 28.47 -19.14
C GLY A 423 -6.12 27.85 -18.06
N TRP A 424 -5.84 28.15 -16.80
CA TRP A 424 -6.59 27.59 -15.67
C TRP A 424 -7.06 28.75 -14.80
N ARG A 425 -8.24 29.28 -15.12
CA ARG A 425 -8.88 30.34 -14.33
C ARG A 425 -10.20 29.80 -13.81
N PRO A 426 -10.21 29.11 -12.67
CA PRO A 426 -11.42 28.37 -12.22
C PRO A 426 -12.51 29.28 -11.66
N SER A 427 -13.33 29.81 -12.57
CA SER A 427 -14.42 30.70 -12.21
C SER A 427 -15.60 29.87 -11.69
N PHE A 428 -15.48 29.45 -10.43
CA PHE A 428 -16.55 28.77 -9.72
C PHE A 428 -16.48 29.22 -8.27
N LYS A 429 -17.65 29.31 -7.64
CA LYS A 429 -17.75 30.00 -6.35
C LYS A 429 -17.14 29.17 -5.22
N TYR A 430 -17.34 27.85 -5.26
CA TYR A 430 -16.85 26.98 -4.17
C TYR A 430 -15.86 26.00 -4.77
N TYR A 431 -14.61 26.42 -4.95
CA TYR A 431 -13.61 25.49 -5.43
C TYR A 431 -12.58 25.12 -4.35
N ASN A 432 -11.83 26.11 -3.85
CA ASN A 432 -11.01 26.02 -2.64
C ASN A 432 -9.97 24.89 -2.71
N MET A 433 -8.95 25.09 -3.56
CA MET A 433 -8.00 24.08 -4.02
C MET A 433 -7.42 23.17 -2.93
N TRP A 434 -7.32 23.63 -1.69
CA TRP A 434 -6.89 22.74 -0.61
C TRP A 434 -7.96 21.71 -0.25
N ALA A 435 -9.24 22.00 -0.51
CA ALA A 435 -10.25 20.97 -0.33
C ALA A 435 -10.11 19.89 -1.40
N SER A 436 -9.72 20.27 -2.62
CA SER A 436 -9.45 19.27 -3.64
C SER A 436 -8.17 18.48 -3.34
N LEU A 437 -7.18 19.12 -2.71
CA LEU A 437 -6.01 18.38 -2.25
C LEU A 437 -6.37 17.38 -1.16
N ALA A 438 -7.21 17.79 -0.22
CA ALA A 438 -7.66 16.89 0.84
C ALA A 438 -8.50 15.75 0.27
N GLY A 439 -9.31 16.04 -0.75
CA GLY A 439 -10.06 14.99 -1.41
C GLY A 439 -9.19 14.01 -2.16
N ALA A 440 -8.12 14.49 -2.81
CA ALA A 440 -7.22 13.60 -3.53
C ALA A 440 -6.42 12.73 -2.56
N ILE A 441 -5.96 13.32 -1.45
CA ILE A 441 -5.25 12.54 -0.43
C ILE A 441 -6.19 11.51 0.20
N LEU A 442 -7.45 11.88 0.44
CA LEU A 442 -8.41 10.96 1.02
C LEU A 442 -8.75 9.82 0.07
N CYS A 443 -8.86 10.12 -1.23
CA CYS A 443 -9.13 9.07 -2.21
C CYS A 443 -7.95 8.11 -2.33
N CYS A 444 -6.72 8.63 -2.32
CA CYS A 444 -5.55 7.76 -2.41
C CYS A 444 -5.40 6.90 -1.16
N VAL A 445 -5.63 7.48 0.02
CA VAL A 445 -5.51 6.74 1.27
C VAL A 445 -6.59 5.66 1.38
N VAL A 446 -7.84 5.99 1.03
CA VAL A 446 -8.92 5.01 1.09
C VAL A 446 -8.73 3.92 0.05
N MET A 447 -8.23 4.29 -1.15
CA MET A 447 -7.91 3.31 -2.18
C MET A 447 -6.81 2.36 -1.74
N PHE A 448 -5.86 2.83 -0.93
CA PHE A 448 -4.83 1.92 -0.43
C PHE A 448 -5.32 1.10 0.76
N ILE A 449 -6.23 1.64 1.58
CA ILE A 449 -6.76 0.87 2.70
C ILE A 449 -7.64 -0.27 2.21
N ILE A 450 -8.38 -0.05 1.11
CA ILE A 450 -9.26 -1.09 0.56
C ILE A 450 -8.45 -2.28 0.06
N ASN A 451 -7.49 -2.05 -0.82
CA ASN A 451 -6.70 -3.14 -1.39
C ASN A 451 -5.35 -2.56 -1.81
N TRP A 452 -4.31 -2.82 -1.02
CA TRP A 452 -3.06 -2.09 -1.17
C TRP A 452 -2.28 -2.48 -2.42
N TRP A 453 -2.33 -3.75 -2.84
CA TRP A 453 -1.52 -4.13 -3.99
C TRP A 453 -2.17 -3.69 -5.29
N ALA A 454 -3.50 -3.73 -5.37
CA ALA A 454 -4.18 -3.19 -6.53
C ALA A 454 -4.06 -1.67 -6.61
N ALA A 455 -4.05 -1.01 -5.44
CA ALA A 455 -3.83 0.44 -5.42
C ALA A 455 -2.42 0.79 -5.84
N LEU A 456 -1.44 0.00 -5.41
CA LEU A 456 -0.05 0.22 -5.83
C LEU A 456 0.12 -0.02 -7.32
N LEU A 457 -0.54 -1.05 -7.86
CA LEU A 457 -0.48 -1.33 -9.29
C LEU A 457 -1.14 -0.22 -10.10
N THR A 458 -2.28 0.29 -9.62
CA THR A 458 -2.97 1.35 -10.34
C THR A 458 -2.20 2.66 -10.28
N ASN A 459 -1.56 2.95 -9.13
CA ASN A 459 -0.76 4.17 -9.05
C ASN A 459 0.54 4.06 -9.83
N VAL A 460 1.12 2.86 -9.96
CA VAL A 460 2.28 2.69 -10.81
C VAL A 460 1.90 2.86 -12.29
N ILE A 461 0.72 2.37 -12.67
CA ILE A 461 0.22 2.59 -14.03
C ILE A 461 -0.04 4.07 -14.30
N VAL A 462 -0.62 4.77 -13.32
CA VAL A 462 -0.90 6.20 -13.46
C VAL A 462 0.40 7.01 -13.58
N LEU A 463 1.39 6.71 -12.73
CA LEU A 463 2.68 7.40 -12.82
C LEU A 463 3.43 7.07 -14.10
N SER A 464 3.31 5.84 -14.59
CA SER A 464 3.96 5.48 -15.85
C SER A 464 3.33 6.19 -17.04
N LEU A 465 1.99 6.28 -17.06
CA LEU A 465 1.32 7.02 -18.13
C LEU A 465 1.61 8.51 -18.03
N TYR A 466 1.72 9.06 -16.82
CA TYR A 466 2.00 10.48 -16.67
C TYR A 466 3.42 10.81 -17.10
N ILE A 467 4.39 9.94 -16.77
CA ILE A 467 5.76 10.21 -17.16
C ILE A 467 5.99 9.84 -18.63
N TYR A 468 5.06 9.09 -19.24
CA TYR A 468 5.16 8.85 -20.67
C TYR A 468 4.61 10.03 -21.47
N VAL A 469 3.41 10.50 -21.12
CA VAL A 469 2.82 11.62 -21.86
C VAL A 469 3.53 12.93 -21.54
N SER A 470 4.20 13.03 -20.39
CA SER A 470 4.98 14.23 -20.09
C SER A 470 6.19 14.33 -21.00
N TYR A 471 7.03 13.29 -21.03
CA TYR A 471 8.17 13.25 -21.92
C TYR A 471 7.84 12.36 -23.13
N LYS A 472 6.91 12.86 -23.95
CA LYS A 472 6.41 12.12 -25.10
C LYS A 472 7.37 12.23 -26.27
N LYS B 1 42.74 14.59 1.34
CA LYS B 1 42.33 13.81 0.18
C LYS B 1 42.72 12.34 0.33
N PHE B 2 41.73 11.48 0.54
CA PHE B 2 41.96 10.05 0.64
C PHE B 2 42.10 9.44 -0.75
N GLY B 3 42.47 8.17 -0.80
CA GLY B 3 42.57 7.46 -2.06
C GLY B 3 41.22 6.96 -2.52
N TRP B 4 41.15 5.71 -2.98
CA TRP B 4 39.87 5.08 -3.25
C TRP B 4 39.60 3.86 -2.39
N ILE B 5 40.63 3.21 -1.86
CA ILE B 5 40.41 2.09 -0.96
C ILE B 5 40.01 2.60 0.42
N LYS B 6 40.89 3.36 1.07
CA LYS B 6 40.68 3.76 2.46
C LYS B 6 39.76 4.96 2.62
N GLY B 7 39.16 5.44 1.53
CA GLY B 7 38.21 6.53 1.63
C GLY B 7 36.82 6.14 1.21
N VAL B 8 36.72 5.19 0.28
CA VAL B 8 35.44 4.72 -0.23
C VAL B 8 35.17 3.28 0.18
N LEU B 9 36.13 2.38 -0.07
CA LEU B 9 35.89 0.96 0.16
C LEU B 9 35.81 0.62 1.64
N VAL B 10 36.73 1.19 2.44
CA VAL B 10 36.71 0.94 3.88
C VAL B 10 35.48 1.59 4.53
N ARG B 11 35.11 2.79 4.07
CA ARG B 11 33.95 3.47 4.65
C ARG B 11 32.65 2.78 4.27
N CYS B 12 32.54 2.28 3.04
CA CYS B 12 31.37 1.51 2.65
C CYS B 12 31.31 0.15 3.33
N MET B 13 32.43 -0.54 3.49
CA MET B 13 32.42 -1.82 4.19
C MET B 13 32.23 -1.67 5.69
N LEU B 14 32.46 -0.48 6.25
CA LEU B 14 32.12 -0.26 7.65
C LEU B 14 30.69 0.22 7.83
N ASN B 15 30.14 0.95 6.87
CA ASN B 15 28.76 1.39 6.99
C ASN B 15 27.79 0.27 6.65
N ILE B 16 28.18 -0.64 5.75
CA ILE B 16 27.29 -1.72 5.34
C ILE B 16 27.25 -2.81 6.41
N TRP B 17 28.42 -3.25 6.88
CA TRP B 17 28.52 -4.28 7.91
C TRP B 17 28.12 -3.68 9.25
N GLY B 18 26.82 -3.72 9.52
CA GLY B 18 26.30 -3.13 10.74
C GLY B 18 25.85 -4.13 11.78
N VAL B 19 24.55 -4.12 12.10
CA VAL B 19 24.05 -4.97 13.18
C VAL B 19 23.82 -6.38 12.68
N MET B 20 23.11 -6.54 11.56
CA MET B 20 22.51 -7.80 11.16
C MET B 20 23.50 -8.86 10.70
N LEU B 21 24.81 -8.56 10.71
CA LEU B 21 25.80 -9.58 10.37
C LEU B 21 25.95 -10.59 11.49
N PHE B 22 26.05 -10.14 12.74
CA PHE B 22 26.39 -11.03 13.84
C PHE B 22 25.19 -11.51 14.64
N ILE B 23 24.31 -10.60 15.07
CA ILE B 23 23.28 -10.97 16.02
C ILE B 23 21.92 -11.23 15.39
N ARG B 24 21.76 -10.94 14.10
CA ARG B 24 20.49 -11.21 13.43
C ARG B 24 20.63 -11.92 12.11
N MET B 25 21.75 -12.58 11.83
CA MET B 25 21.83 -13.35 10.59
C MET B 25 21.45 -14.80 10.80
N THR B 26 21.90 -15.38 11.93
CA THR B 26 21.54 -16.74 12.27
C THR B 26 20.05 -16.86 12.55
N TRP B 27 19.43 -15.80 13.07
CA TRP B 27 17.97 -15.81 13.23
C TRP B 27 17.26 -15.71 11.88
N ILE B 28 17.91 -15.12 10.88
CA ILE B 28 17.33 -15.08 9.54
C ILE B 28 17.40 -16.45 8.89
N VAL B 29 18.53 -17.15 9.04
CA VAL B 29 18.61 -18.51 8.50
C VAL B 29 17.84 -19.50 9.36
N GLY B 30 17.45 -19.11 10.58
CA GLY B 30 16.55 -19.95 11.36
C GLY B 30 15.10 -19.76 10.99
N GLN B 31 14.69 -18.51 10.75
CA GLN B 31 13.31 -18.24 10.35
C GLN B 31 13.06 -18.68 8.91
N ALA B 32 13.78 -18.08 7.96
CA ALA B 32 13.72 -18.50 6.58
C ALA B 32 14.59 -19.73 6.37
N GLY B 33 14.53 -20.29 5.17
CA GLY B 33 15.40 -21.39 4.82
C GLY B 33 16.77 -20.88 4.40
N ILE B 34 17.64 -21.82 4.07
CA ILE B 34 18.93 -21.45 3.48
C ILE B 34 18.71 -20.88 2.08
N ALA B 35 17.81 -21.48 1.31
CA ALA B 35 17.50 -20.98 -0.02
C ALA B 35 16.78 -19.64 0.04
N TYR B 36 15.87 -19.48 1.00
CA TYR B 36 15.20 -18.20 1.15
C TYR B 36 16.12 -17.12 1.71
N SER B 37 17.08 -17.48 2.56
CA SER B 37 18.06 -16.50 2.99
C SER B 37 18.98 -16.08 1.86
N CYS B 38 19.32 -17.02 0.98
CA CYS B 38 20.10 -16.66 -0.21
C CYS B 38 19.30 -15.78 -1.16
N ILE B 39 18.00 -16.03 -1.29
CA ILE B 39 17.14 -15.18 -2.11
C ILE B 39 17.02 -13.78 -1.51
N ILE B 40 16.96 -13.69 -0.17
CA ILE B 40 16.92 -12.41 0.52
C ILE B 40 18.21 -11.61 0.30
N VAL B 41 19.36 -12.26 0.44
CA VAL B 41 20.64 -11.58 0.26
C VAL B 41 20.84 -11.17 -1.20
N ILE B 42 20.42 -12.01 -2.15
CA ILE B 42 20.56 -11.69 -3.56
C ILE B 42 19.62 -10.56 -3.96
N MET B 43 18.41 -10.50 -3.40
CA MET B 43 17.50 -9.40 -3.70
C MET B 43 17.99 -8.08 -3.14
N ALA B 44 18.48 -8.08 -1.89
CA ALA B 44 19.03 -6.85 -1.34
C ALA B 44 20.32 -6.43 -2.04
N THR B 45 21.10 -7.40 -2.52
CA THR B 45 22.31 -7.07 -3.27
C THR B 45 21.96 -6.52 -4.65
N VAL B 46 20.87 -6.99 -5.26
CA VAL B 46 20.40 -6.44 -6.53
C VAL B 46 19.93 -4.99 -6.34
N VAL B 47 19.17 -4.75 -5.27
CA VAL B 47 18.69 -3.40 -4.94
C VAL B 47 19.87 -2.45 -4.71
N THR B 48 20.84 -2.87 -3.90
CA THR B 48 21.97 -1.99 -3.62
C THR B 48 22.93 -1.88 -4.80
N THR B 49 23.00 -2.88 -5.67
CA THR B 49 23.85 -2.77 -6.85
C THR B 49 23.27 -1.82 -7.88
N ILE B 50 21.94 -1.85 -8.05
CA ILE B 50 21.29 -0.89 -8.94
C ILE B 50 21.40 0.53 -8.38
N THR B 51 21.25 0.69 -7.06
CA THR B 51 21.44 2.01 -6.47
C THR B 51 22.90 2.45 -6.49
N GLY B 52 23.85 1.50 -6.45
CA GLY B 52 25.25 1.87 -6.57
C GLY B 52 25.62 2.31 -7.96
N CYS B 53 25.05 1.66 -8.98
CA CYS B 53 25.21 2.14 -10.35
C CYS B 53 24.57 3.51 -10.54
N SER B 54 23.40 3.73 -9.92
CA SER B 54 22.71 5.00 -10.05
C SER B 54 23.39 6.14 -9.29
N THR B 55 24.12 5.84 -8.21
CA THR B 55 24.89 6.90 -7.57
C THR B 55 26.28 7.04 -8.16
N SER B 56 26.78 6.01 -8.86
CA SER B 56 28.01 6.18 -9.63
C SER B 56 27.78 7.06 -10.85
N ALA B 57 26.58 6.98 -11.43
CA ALA B 57 26.24 7.87 -12.53
C ALA B 57 26.13 9.32 -12.09
N ILE B 58 25.71 9.55 -10.84
CA ILE B 58 25.70 10.90 -10.29
C ILE B 58 27.12 11.35 -9.99
N ALA B 59 27.94 10.47 -9.40
CA ALA B 59 29.29 10.84 -9.00
C ALA B 59 30.25 10.92 -10.18
N THR B 60 29.84 10.47 -11.37
CA THR B 60 30.66 10.62 -12.56
C THR B 60 30.06 11.64 -13.53
N ASN B 61 29.11 12.46 -13.07
CA ASN B 61 28.52 13.53 -13.87
C ASN B 61 29.23 14.86 -13.61
N GLY B 62 30.56 14.85 -13.74
CA GLY B 62 31.36 16.03 -13.46
C GLY B 62 31.35 16.37 -11.98
N PHE B 63 31.47 17.68 -11.69
CA PHE B 63 31.33 18.27 -10.36
C PHE B 63 32.34 17.71 -9.36
N VAL B 64 33.62 17.85 -9.68
CA VAL B 64 34.68 17.38 -8.77
C VAL B 64 34.81 18.32 -7.58
N ARG B 65 34.89 19.62 -7.84
CA ARG B 65 35.10 20.59 -6.77
C ARG B 65 33.82 20.83 -5.98
N GLY B 66 34.00 21.23 -4.73
CA GLY B 66 32.87 21.50 -3.83
C GLY B 66 32.07 20.28 -3.48
N GLY B 67 32.72 19.16 -3.20
CA GLY B 67 32.05 17.89 -3.07
C GLY B 67 31.22 17.75 -1.81
N GLY B 68 30.30 16.79 -1.87
CA GLY B 68 29.41 16.47 -0.76
C GLY B 68 28.47 15.34 -1.12
N ALA B 69 27.40 15.16 -0.34
CA ALA B 69 26.40 14.15 -0.61
C ALA B 69 25.13 14.73 -1.20
N TYR B 70 24.58 15.75 -0.56
CA TYR B 70 23.49 16.53 -1.14
C TYR B 70 23.93 17.28 -2.38
N TYR B 71 25.21 17.65 -2.46
CA TYR B 71 25.71 18.48 -3.56
C TYR B 71 25.64 17.77 -4.90
N LEU B 72 26.08 16.50 -4.95
CA LEU B 72 26.09 15.76 -6.21
C LEU B 72 24.68 15.50 -6.72
N ILE B 73 23.75 15.21 -5.81
CA ILE B 73 22.38 14.92 -6.21
C ILE B 73 21.66 16.22 -6.61
N SER B 74 21.90 17.30 -5.88
CA SER B 74 21.20 18.55 -6.15
C SER B 74 21.77 19.32 -7.33
N ARG B 75 23.03 19.08 -7.70
CA ARG B 75 23.65 19.86 -8.76
C ARG B 75 23.62 19.14 -10.11
N SER B 76 23.59 17.81 -10.12
CA SER B 76 23.45 17.05 -11.35
C SER B 76 21.99 16.92 -11.76
N LEU B 77 21.15 16.45 -10.84
CA LEU B 77 19.70 16.47 -11.02
C LEU B 77 19.17 17.83 -10.57
N GLY B 78 17.85 17.95 -10.50
CA GLY B 78 17.25 19.20 -10.09
C GLY B 78 17.35 19.40 -8.59
N PRO B 79 16.95 20.58 -8.14
CA PRO B 79 16.81 20.80 -6.69
C PRO B 79 15.55 20.17 -6.13
N GLU B 80 14.58 19.82 -6.98
CA GLU B 80 13.34 19.23 -6.51
C GLU B 80 13.55 17.82 -5.99
N PHE B 81 14.33 17.00 -6.70
CA PHE B 81 14.68 15.68 -6.21
C PHE B 81 15.75 15.70 -5.14
N GLY B 82 16.71 16.64 -5.25
CA GLY B 82 17.77 16.73 -4.25
C GLY B 82 17.27 17.17 -2.90
N GLY B 83 16.32 18.11 -2.87
CA GLY B 83 15.79 18.58 -1.61
C GLY B 83 14.85 17.61 -0.92
N SER B 84 14.43 16.54 -1.61
CA SER B 84 13.65 15.49 -0.96
C SER B 84 14.51 14.30 -0.60
N ILE B 85 15.51 13.97 -1.42
CA ILE B 85 16.46 12.92 -1.05
C ILE B 85 17.29 13.36 0.15
N GLY B 86 17.66 14.63 0.21
CA GLY B 86 18.42 15.14 1.34
C GLY B 86 17.63 15.30 2.62
N LEU B 87 16.33 15.00 2.61
CA LEU B 87 15.53 14.88 3.82
C LEU B 87 15.20 13.44 4.16
N ILE B 88 14.84 12.62 3.16
CA ILE B 88 14.54 11.22 3.41
C ILE B 88 15.79 10.46 3.85
N PHE B 89 16.94 10.75 3.22
CA PHE B 89 18.18 10.08 3.59
C PHE B 89 18.71 10.60 4.92
N ALA B 90 18.56 11.90 5.18
CA ALA B 90 18.99 12.47 6.44
C ALA B 90 18.06 12.16 7.59
N PHE B 91 16.86 11.63 7.32
CA PHE B 91 16.03 11.03 8.35
C PHE B 91 16.32 9.55 8.52
N ALA B 92 16.66 8.87 7.41
CA ALA B 92 16.99 7.45 7.46
C ALA B 92 18.26 7.21 8.24
N ASN B 93 19.27 8.07 8.08
CA ASN B 93 20.48 7.90 8.90
C ASN B 93 20.24 8.30 10.35
N ALA B 94 19.37 9.30 10.58
CA ALA B 94 19.09 9.73 11.95
C ALA B 94 18.35 8.66 12.74
N VAL B 95 17.49 7.87 12.07
CA VAL B 95 16.88 6.73 12.74
C VAL B 95 17.76 5.47 12.69
N ALA B 96 18.69 5.39 11.73
CA ALA B 96 19.62 4.27 11.68
C ALA B 96 20.62 4.34 12.82
N VAL B 97 20.97 5.54 13.28
CA VAL B 97 21.76 5.70 14.50
C VAL B 97 21.08 5.02 15.68
N ALA B 98 19.77 5.21 15.80
CA ALA B 98 19.00 4.55 16.86
C ALA B 98 19.00 3.04 16.68
N MET B 99 18.93 2.57 15.43
CA MET B 99 18.97 1.12 15.18
C MET B 99 20.31 0.50 15.59
N TYR B 100 21.42 1.14 15.18
CA TYR B 100 22.75 0.59 15.49
C TYR B 100 23.04 0.62 16.98
N VAL B 101 22.65 1.71 17.67
CA VAL B 101 22.89 1.72 19.11
C VAL B 101 21.88 0.86 19.89
N VAL B 102 20.71 0.58 19.33
CA VAL B 102 19.81 -0.39 19.98
C VAL B 102 20.37 -1.80 19.84
N GLY B 103 20.96 -2.11 18.68
CA GLY B 103 21.64 -3.39 18.54
C GLY B 103 22.85 -3.54 19.45
N PHE B 104 23.61 -2.45 19.60
CA PHE B 104 24.76 -2.45 20.52
C PHE B 104 24.31 -2.62 21.96
N ALA B 105 23.25 -1.90 22.36
CA ALA B 105 22.73 -2.00 23.72
C ALA B 105 22.13 -3.37 23.99
N GLU B 106 21.50 -3.99 22.99
CA GLU B 106 20.98 -5.34 23.14
C GLU B 106 22.10 -6.35 23.31
N THR B 107 23.21 -6.17 22.58
CA THR B 107 24.37 -7.05 22.76
C THR B 107 24.97 -6.91 24.16
N VAL B 108 25.13 -5.66 24.62
CA VAL B 108 25.66 -5.41 25.97
C VAL B 108 24.73 -5.97 27.05
N VAL B 109 23.41 -5.82 26.87
CA VAL B 109 22.44 -6.29 27.86
C VAL B 109 22.41 -7.81 27.92
N GLU B 110 22.48 -8.47 26.76
CA GLU B 110 22.48 -9.94 26.79
C GLU B 110 23.82 -10.49 27.29
N LEU B 111 24.92 -9.76 27.09
CA LEU B 111 26.19 -10.17 27.70
C LEU B 111 26.16 -10.00 29.21
N LEU B 112 25.49 -8.96 29.71
CA LEU B 112 25.35 -8.80 31.17
C LEU B 112 24.36 -9.79 31.75
N MET B 113 23.36 -10.21 30.98
CA MET B 113 22.44 -11.24 31.46
C MET B 113 23.03 -12.64 31.41
N ASP B 114 24.04 -12.87 30.55
CA ASP B 114 24.80 -14.11 30.66
C ASP B 114 25.62 -14.12 31.95
N SER B 115 26.04 -12.96 32.41
CA SER B 115 26.64 -12.80 33.73
C SER B 115 25.53 -12.51 34.74
N GLY B 116 25.91 -12.07 35.95
CA GLY B 116 24.94 -11.79 36.98
C GLY B 116 24.43 -10.37 37.05
N LEU B 117 24.95 -9.46 36.22
CA LEU B 117 24.56 -8.06 36.29
C LEU B 117 23.19 -7.87 35.63
N LEU B 118 22.23 -7.36 36.40
CA LEU B 118 20.87 -7.14 35.90
C LEU B 118 20.24 -6.04 36.74
N MET B 119 20.06 -4.85 36.15
CA MET B 119 19.49 -3.73 36.91
C MET B 119 17.97 -3.79 36.93
N ILE B 120 17.35 -3.68 35.75
CA ILE B 120 15.91 -3.69 35.58
C ILE B 120 15.62 -4.79 34.56
N ASP B 121 14.37 -4.88 34.08
CA ASP B 121 13.98 -5.86 33.09
C ASP B 121 14.72 -5.64 31.75
N GLN B 122 14.63 -6.66 30.88
CA GLN B 122 15.44 -6.69 29.66
C GLN B 122 15.06 -5.60 28.68
N THR B 123 13.78 -5.29 28.54
CA THR B 123 13.34 -4.22 27.65
C THR B 123 13.48 -2.84 28.28
N ASN B 124 14.03 -2.74 29.49
CA ASN B 124 14.32 -1.47 30.12
C ASN B 124 15.80 -1.26 30.39
N ASP B 125 16.61 -2.32 30.34
CA ASP B 125 18.06 -2.14 30.38
C ASP B 125 18.60 -1.67 29.05
N ILE B 126 17.91 -2.00 27.95
CA ILE B 126 18.28 -1.47 26.64
C ILE B 126 17.95 0.01 26.57
N ARG B 127 16.89 0.44 27.26
CA ARG B 127 16.56 1.86 27.33
C ARG B 127 17.54 2.63 28.20
N VAL B 128 18.30 1.94 29.06
CA VAL B 128 19.30 2.63 29.87
C VAL B 128 20.65 2.64 29.15
N ILE B 129 21.08 1.48 28.64
CA ILE B 129 22.37 1.37 27.97
C ILE B 129 22.35 2.10 26.63
N GLY B 130 21.21 2.07 25.93
CA GLY B 130 21.10 2.75 24.66
C GLY B 130 21.09 4.27 24.77
N THR B 131 20.68 4.79 25.94
CA THR B 131 20.69 6.24 26.13
C THR B 131 22.09 6.74 26.47
N ILE B 132 22.87 5.94 27.19
CA ILE B 132 24.23 6.35 27.55
C ILE B 132 25.13 6.31 26.32
N THR B 133 24.97 5.29 25.47
CA THR B 133 25.83 5.16 24.30
C THR B 133 25.46 6.10 23.17
N VAL B 134 24.33 6.81 23.27
CA VAL B 134 24.00 7.79 22.23
C VAL B 134 24.36 9.21 22.66
N ILE B 135 24.59 9.44 23.95
CA ILE B 135 25.15 10.71 24.40
C ILE B 135 26.67 10.64 24.52
N LEU B 136 27.26 9.44 24.47
CA LEU B 136 28.70 9.34 24.35
C LEU B 136 29.12 9.37 22.89
N LEU B 137 28.28 8.86 21.99
CA LEU B 137 28.58 8.93 20.57
C LEU B 137 28.36 10.32 20.02
N LEU B 138 27.52 11.12 20.68
CA LEU B 138 27.34 12.51 20.25
C LEU B 138 28.58 13.34 20.59
N GLY B 139 29.25 13.02 21.70
CA GLY B 139 30.48 13.72 22.04
C GLY B 139 31.62 13.37 21.10
N ILE B 140 31.69 12.11 20.66
CA ILE B 140 32.69 11.70 19.68
C ILE B 140 32.42 12.33 18.32
N SER B 141 31.14 12.54 17.96
CA SER B 141 30.82 13.11 16.67
C SER B 141 31.10 14.61 16.60
N VAL B 142 31.21 15.28 17.75
CA VAL B 142 31.48 16.71 17.79
C VAL B 142 32.89 17.02 18.28
N ALA B 143 33.60 16.04 18.83
CA ALA B 143 34.94 16.28 19.35
C ALA B 143 36.01 15.41 18.70
N GLY B 144 35.70 14.14 18.44
CA GLY B 144 36.71 13.20 17.99
C GLY B 144 36.69 12.87 16.52
N MET B 145 36.51 13.88 15.65
CA MET B 145 36.50 13.61 14.22
C MET B 145 37.91 13.33 13.68
N GLU B 146 38.96 13.73 14.41
CA GLU B 146 40.32 13.50 13.94
C GLU B 146 40.72 12.04 14.10
N TRP B 147 40.23 11.36 15.14
CA TRP B 147 40.56 9.96 15.38
C TRP B 147 39.73 9.00 14.55
N GLU B 148 38.65 9.48 13.92
CA GLU B 148 37.72 8.59 13.23
C GLU B 148 38.33 8.01 11.96
N ALA B 149 38.92 8.86 11.13
CA ALA B 149 39.51 8.41 9.87
C ALA B 149 40.80 7.62 10.07
N LYS B 150 41.38 7.66 11.26
CA LYS B 150 42.54 6.86 11.59
C LYS B 150 42.20 5.60 12.37
N ALA B 151 41.02 5.54 12.99
CA ALA B 151 40.58 4.33 13.68
C ALA B 151 39.64 3.49 12.84
N GLN B 152 39.21 3.98 11.67
CA GLN B 152 38.37 3.18 10.79
C GLN B 152 39.08 1.91 10.30
N ILE B 153 40.38 1.98 10.03
CA ILE B 153 41.10 0.79 9.60
C ILE B 153 41.27 -0.19 10.77
N PHE B 154 41.35 0.33 12.01
CA PHE B 154 41.43 -0.56 13.17
C PHE B 154 40.11 -1.25 13.42
N LEU B 155 39.00 -0.52 13.25
CA LEU B 155 37.68 -1.14 13.35
C LEU B 155 37.45 -2.14 12.23
N LEU B 156 38.00 -1.88 11.04
CA LEU B 156 37.85 -2.82 9.94
C LEU B 156 38.65 -4.09 10.16
N VAL B 157 39.86 -3.99 10.72
CA VAL B 157 40.61 -5.23 10.96
C VAL B 157 40.02 -6.00 12.14
N ILE B 158 39.39 -5.30 13.10
CA ILE B 158 38.63 -6.00 14.15
C ILE B 158 37.44 -6.74 13.54
N LEU B 159 36.75 -6.11 12.58
CA LEU B 159 35.58 -6.71 11.97
C LEU B 159 35.95 -7.92 11.11
N ILE B 160 37.01 -7.81 10.32
CA ILE B 160 37.45 -8.94 9.48
C ILE B 160 38.04 -10.05 10.34
N THR B 161 38.69 -9.71 11.47
CA THR B 161 39.14 -10.73 12.41
C THR B 161 37.96 -11.45 13.05
N ALA B 162 36.86 -10.73 13.30
CA ALA B 162 35.66 -11.37 13.87
C ALA B 162 35.01 -12.30 12.86
N ILE B 163 34.95 -11.90 11.58
CA ILE B 163 34.35 -12.75 10.55
C ILE B 163 35.18 -14.00 10.33
N PHE B 164 36.51 -13.85 10.23
CA PHE B 164 37.38 -15.02 10.05
C PHE B 164 37.40 -15.90 11.30
N ASN B 165 37.24 -15.31 12.49
CA ASN B 165 37.14 -16.10 13.71
C ASN B 165 35.87 -16.93 13.72
N TYR B 166 34.75 -16.34 13.30
CA TYR B 166 33.50 -17.09 13.15
C TYR B 166 33.65 -18.23 12.16
N PHE B 167 34.36 -17.99 11.04
CA PHE B 167 34.47 -19.03 10.03
C PHE B 167 35.38 -20.17 10.49
N ILE B 168 36.57 -19.86 10.99
CA ILE B 168 37.48 -20.90 11.46
C ILE B 168 37.00 -21.56 12.76
N GLY B 169 36.05 -20.95 13.47
CA GLY B 169 35.33 -21.68 14.49
C GLY B 169 34.23 -22.55 13.93
N SER B 170 33.69 -22.18 12.77
CA SER B 170 32.64 -22.97 12.15
C SER B 170 33.17 -24.26 11.54
N PHE B 171 34.41 -24.25 11.03
CA PHE B 171 34.95 -25.50 10.48
C PHE B 171 35.31 -26.50 11.57
N ILE B 172 35.70 -26.05 12.76
CA ILE B 172 36.09 -27.00 13.82
C ILE B 172 34.84 -27.54 14.50
N ALA B 173 35.00 -28.63 15.26
CA ALA B 173 33.89 -29.28 15.93
C ALA B 173 34.25 -29.51 17.40
N VAL B 174 33.44 -28.96 18.30
CA VAL B 174 33.67 -29.06 19.74
C VAL B 174 32.44 -29.70 20.36
N ASP B 175 32.65 -30.76 21.15
CA ASP B 175 31.55 -31.43 21.84
C ASP B 175 30.92 -30.55 22.91
N SER B 176 31.69 -29.67 23.54
CA SER B 176 31.12 -28.79 24.56
C SER B 176 30.24 -27.70 23.96
N LYS B 177 30.48 -27.34 22.69
CA LYS B 177 29.64 -26.34 22.03
C LYS B 177 28.30 -26.91 21.58
N LYS B 178 28.12 -28.23 21.64
CA LYS B 178 26.80 -28.81 21.49
C LYS B 178 25.93 -28.47 22.70
N LYS B 179 24.62 -28.68 22.53
CA LYS B 179 23.43 -28.29 23.29
C LYS B 179 23.11 -26.80 23.11
N PHE B 180 24.00 -26.01 22.51
CA PHE B 180 23.69 -24.67 22.03
C PHE B 180 23.46 -24.69 20.52
N GLY B 181 23.04 -25.82 19.98
CA GLY B 181 23.16 -26.03 18.54
C GLY B 181 24.62 -26.34 18.22
N PHE B 182 25.00 -26.04 16.98
CA PHE B 182 26.38 -26.12 16.48
C PHE B 182 26.97 -27.54 16.61
N PHE B 183 26.43 -28.42 15.77
CA PHE B 183 27.21 -29.57 15.36
C PHE B 183 28.12 -29.16 14.20
N SER B 184 28.86 -30.12 13.66
CA SER B 184 29.84 -29.81 12.63
C SER B 184 29.14 -29.65 11.27
N TYR B 185 29.94 -29.46 10.22
CA TYR B 185 29.40 -29.41 8.86
C TYR B 185 28.93 -30.80 8.47
N ASP B 186 27.62 -30.94 8.26
CA ASP B 186 27.04 -32.20 7.82
C ASP B 186 25.79 -31.91 7.01
N ALA B 187 25.52 -32.81 6.06
CA ALA B 187 24.40 -32.64 5.13
C ALA B 187 23.04 -32.85 5.77
N GLY B 188 22.97 -33.42 6.97
CA GLY B 188 21.68 -33.61 7.62
C GLY B 188 21.05 -32.30 8.06
N ILE B 189 21.82 -31.49 8.79
CA ILE B 189 21.33 -30.18 9.23
C ILE B 189 21.22 -29.23 8.03
N LEU B 190 22.05 -29.44 7.01
CA LEU B 190 21.97 -28.65 5.80
C LEU B 190 20.69 -28.95 5.04
N ALA B 191 20.27 -30.22 5.00
CA ALA B 191 19.00 -30.57 4.36
C ALA B 191 17.82 -30.19 5.22
N GLU B 192 17.99 -30.17 6.55
CA GLU B 192 16.90 -29.77 7.42
C GLU B 192 16.63 -28.27 7.34
N ASN B 193 17.70 -27.47 7.31
CA ASN B 193 17.53 -26.02 7.26
C ASN B 193 17.23 -25.50 5.86
N PHE B 194 17.42 -26.32 4.83
CA PHE B 194 17.11 -25.92 3.45
C PHE B 194 15.59 -26.00 3.30
N GLY B 195 14.93 -24.91 3.68
CA GLY B 195 13.49 -24.87 3.70
C GLY B 195 13.00 -23.98 4.82
N PRO B 196 11.94 -23.21 4.56
CA PRO B 196 11.51 -22.20 5.53
C PRO B 196 10.79 -22.80 6.72
N ASP B 197 10.87 -22.08 7.84
CA ASP B 197 10.06 -22.36 9.03
C ASP B 197 9.10 -21.23 9.34
N PHE B 198 9.60 -20.00 9.42
CA PHE B 198 8.84 -18.76 9.60
C PHE B 198 7.98 -18.81 10.87
N ARG B 199 8.68 -18.90 12.00
CA ARG B 199 8.05 -18.96 13.31
C ARG B 199 7.74 -17.54 13.74
N GLY B 200 6.50 -17.12 13.53
CA GLY B 200 6.08 -15.77 13.88
C GLY B 200 6.19 -14.78 12.73
N GLN B 201 7.34 -14.76 12.06
CA GLN B 201 7.56 -13.83 10.96
C GLN B 201 7.18 -14.46 9.63
N THR B 202 7.35 -13.71 8.55
CA THR B 202 7.10 -14.18 7.19
C THR B 202 8.20 -13.66 6.27
N PHE B 203 8.18 -14.15 5.03
CA PHE B 203 9.00 -13.57 3.99
C PHE B 203 8.49 -12.17 3.69
N PHE B 204 9.42 -11.25 3.42
CA PHE B 204 9.27 -9.78 3.41
C PHE B 204 8.89 -9.24 4.79
N SER B 205 9.14 -10.02 5.83
CA SER B 205 9.32 -9.51 7.18
C SER B 205 10.61 -10.02 7.80
N VAL B 206 11.20 -11.07 7.25
CA VAL B 206 12.59 -11.40 7.52
C VAL B 206 13.50 -10.58 6.61
N PHE B 207 13.03 -10.29 5.38
CA PHE B 207 13.77 -9.41 4.48
C PHE B 207 13.84 -7.99 5.02
N SER B 208 12.79 -7.53 5.69
CA SER B 208 12.79 -6.17 6.24
C SER B 208 13.79 -6.03 7.37
N ILE B 209 13.98 -7.10 8.16
CA ILE B 209 14.98 -7.07 9.21
C ILE B 209 16.37 -7.31 8.61
N PHE B 210 16.45 -7.94 7.44
CA PHE B 210 17.75 -8.11 6.81
C PHE B 210 18.24 -6.80 6.21
N PHE B 211 17.37 -6.11 5.47
CA PHE B 211 17.81 -5.08 4.52
C PHE B 211 18.64 -3.92 5.10
N PRO B 212 18.53 -3.51 6.38
CA PRO B 212 19.57 -2.62 6.94
C PRO B 212 20.98 -3.21 7.01
N ALA B 213 21.18 -4.51 6.76
CA ALA B 213 22.54 -5.00 6.57
C ALA B 213 23.11 -4.64 5.22
N ALA B 214 22.27 -4.24 4.27
CA ALA B 214 22.73 -3.84 2.95
C ALA B 214 22.82 -2.32 2.80
N THR B 215 22.21 -1.56 3.71
CA THR B 215 22.23 -0.12 3.62
C THR B 215 23.58 0.44 4.08
N GLY B 216 23.85 1.67 3.68
CA GLY B 216 25.12 2.29 3.93
C GLY B 216 26.01 2.40 2.70
N ILE B 217 25.46 2.18 1.51
CA ILE B 217 26.26 2.22 0.29
C ILE B 217 26.60 3.62 -0.16
N LEU B 218 25.98 4.64 0.45
CA LEU B 218 26.28 6.03 0.14
C LEU B 218 27.33 6.61 1.08
N ALA B 219 28.11 5.77 1.75
CA ALA B 219 29.18 6.27 2.59
C ALA B 219 30.38 6.70 1.76
N GLY B 220 30.50 6.18 0.53
CA GLY B 220 31.51 6.68 -0.38
C GLY B 220 31.10 7.97 -1.04
N ALA B 221 29.82 8.12 -1.34
CA ALA B 221 29.29 9.33 -1.95
C ALA B 221 28.88 10.38 -0.94
N ASN B 222 29.24 10.22 0.34
CA ASN B 222 28.98 11.23 1.35
C ASN B 222 30.19 12.11 1.64
N ILE B 223 31.39 11.63 1.33
CA ILE B 223 32.57 12.48 1.38
C ILE B 223 33.18 12.55 -0.02
N SER B 224 32.74 13.55 -0.79
CA SER B 224 33.31 13.78 -2.12
C SER B 224 34.43 14.82 -2.11
N GLY B 225 34.36 15.79 -1.19
CA GLY B 225 35.46 16.72 -1.03
C GLY B 225 36.66 16.13 -0.33
N ASP B 226 36.49 14.98 0.32
CA ASP B 226 37.58 14.26 0.96
C ASP B 226 38.21 13.22 0.03
N LEU B 227 38.04 13.36 -1.28
CA LEU B 227 38.52 12.38 -2.23
C LEU B 227 39.42 13.04 -3.26
N ALA B 228 40.31 12.23 -3.85
CA ALA B 228 41.17 12.72 -4.91
C ALA B 228 40.37 12.94 -6.20
N ASP B 229 39.74 11.88 -6.70
CA ASP B 229 38.93 11.95 -7.92
C ASP B 229 37.65 11.15 -7.71
N PRO B 230 36.49 11.81 -7.60
CA PRO B 230 35.23 11.07 -7.44
C PRO B 230 34.81 10.30 -8.69
N GLN B 231 35.39 10.58 -9.84
CA GLN B 231 35.05 9.84 -11.06
C GLN B 231 35.57 8.41 -11.04
N MET B 232 36.60 8.11 -10.25
CA MET B 232 37.15 6.76 -10.18
C MET B 232 37.10 6.15 -8.79
N ALA B 233 36.85 6.94 -7.75
CA ALA B 233 36.85 6.38 -6.39
C ALA B 233 35.48 5.86 -6.00
N ILE B 234 34.42 6.55 -6.38
CA ILE B 234 33.06 6.21 -5.96
C ILE B 234 32.48 5.05 -6.79
N PRO B 235 32.60 4.98 -8.13
CA PRO B 235 32.08 3.76 -8.79
C PRO B 235 32.89 2.50 -8.50
N LYS B 236 34.19 2.62 -8.34
CA LYS B 236 35.05 1.45 -8.14
C LYS B 236 35.09 0.99 -6.70
N GLY B 237 34.55 1.77 -5.76
CA GLY B 237 34.56 1.39 -4.37
C GLY B 237 33.21 0.88 -3.90
N THR B 238 32.14 1.55 -4.33
CA THR B 238 30.79 1.18 -3.91
C THR B 238 30.39 -0.19 -4.46
N LEU B 239 30.51 -0.38 -5.76
CA LEU B 239 30.13 -1.63 -6.40
C LEU B 239 31.14 -2.76 -6.16
N LEU B 240 32.25 -2.48 -5.49
CA LEU B 240 33.13 -3.53 -5.01
C LEU B 240 32.80 -3.92 -3.58
N ALA B 241 32.53 -2.93 -2.71
CA ALA B 241 32.15 -3.21 -1.34
C ALA B 241 30.80 -3.92 -1.26
N ILE B 242 29.89 -3.61 -2.18
CA ILE B 242 28.59 -4.27 -2.21
C ILE B 242 28.75 -5.76 -2.55
N LEU B 243 29.63 -6.06 -3.52
CA LEU B 243 29.89 -7.44 -3.89
C LEU B 243 30.59 -8.21 -2.77
N ILE B 244 31.56 -7.55 -2.10
CA ILE B 244 32.28 -8.19 -1.00
C ILE B 244 31.35 -8.50 0.16
N THR B 245 30.51 -7.52 0.56
CA THR B 245 29.60 -7.76 1.67
C THR B 245 28.48 -8.72 1.30
N GLY B 246 28.06 -8.77 0.03
CA GLY B 246 27.09 -9.76 -0.39
C GLY B 246 27.64 -11.18 -0.34
N LEU B 247 28.89 -11.37 -0.77
CA LEU B 247 29.51 -12.69 -0.65
C LEU B 247 29.73 -13.08 0.80
N VAL B 248 30.07 -12.11 1.67
CA VAL B 248 30.24 -12.42 3.08
C VAL B 248 28.91 -12.77 3.74
N TYR B 249 27.82 -12.08 3.35
CA TYR B 249 26.50 -12.41 3.90
C TYR B 249 26.01 -13.77 3.42
N VAL B 250 26.27 -14.11 2.14
CA VAL B 250 25.89 -15.42 1.62
C VAL B 250 26.69 -16.52 2.32
N GLY B 251 28.00 -16.31 2.51
CA GLY B 251 28.82 -17.30 3.18
C GLY B 251 28.47 -17.48 4.64
N VAL B 252 28.13 -16.39 5.33
CA VAL B 252 27.77 -16.49 6.74
C VAL B 252 26.39 -17.13 6.89
N ALA B 253 25.48 -16.87 5.95
CA ALA B 253 24.17 -17.52 5.98
C ALA B 253 24.26 -19.02 5.72
N ILE B 254 25.08 -19.43 4.75
CA ILE B 254 25.25 -20.86 4.48
C ILE B 254 26.01 -21.54 5.63
N SER B 255 27.03 -20.86 6.19
CA SER B 255 27.80 -21.45 7.28
C SER B 255 27.03 -21.43 8.59
N ALA B 256 25.95 -20.66 8.69
CA ALA B 256 25.09 -20.69 9.86
C ALA B 256 23.96 -21.69 9.69
N GLY B 257 23.50 -21.92 8.47
CA GLY B 257 22.46 -22.90 8.25
C GLY B 257 22.95 -24.33 8.14
N ALA B 258 24.18 -24.54 7.67
CA ALA B 258 24.64 -25.88 7.39
C ALA B 258 25.24 -26.58 8.60
N CYS B 259 25.29 -25.93 9.77
CA CYS B 259 25.86 -26.57 10.94
C CYS B 259 25.14 -26.30 12.24
N ILE B 260 24.05 -25.54 12.24
CA ILE B 260 23.32 -25.21 13.46
C ILE B 260 21.88 -25.66 13.28
N VAL B 261 21.35 -26.37 14.29
CA VAL B 261 19.94 -26.75 14.26
C VAL B 261 19.08 -25.54 14.59
N ARG B 262 17.78 -25.64 14.27
CA ARG B 262 16.88 -24.53 14.50
C ARG B 262 16.47 -24.42 15.96
N ASP B 263 16.43 -25.54 16.67
CA ASP B 263 16.02 -25.55 18.08
C ASP B 263 16.92 -26.49 18.86
N ALA B 264 17.42 -26.02 20.00
CA ALA B 264 18.33 -26.79 20.82
C ALA B 264 18.24 -26.30 22.26
N THR B 265 17.89 -27.21 23.16
CA THR B 265 17.74 -26.89 24.57
C THR B 265 19.10 -26.94 25.26
N GLY B 266 19.29 -26.04 26.23
CA GLY B 266 20.56 -25.96 26.92
C GLY B 266 20.74 -26.95 28.05
N ILE B 267 20.49 -28.22 27.77
CA ILE B 267 20.67 -29.30 28.74
C ILE B 267 21.62 -30.32 28.14
N GLU B 268 22.70 -30.59 28.86
CA GLU B 268 23.70 -31.56 28.44
C GLU B 268 23.19 -32.97 28.73
N SER B 269 23.51 -33.91 27.82
CA SER B 269 22.95 -35.25 27.86
C SER B 269 24.10 -36.26 27.86
N ASN B 270 24.48 -36.72 29.05
CA ASN B 270 25.46 -37.79 29.16
C ASN B 270 24.79 -39.16 29.19
N PHE B 271 23.74 -39.32 30.00
CA PHE B 271 22.97 -40.55 29.99
C PHE B 271 22.07 -40.60 28.78
N THR B 272 22.00 -41.78 28.14
CA THR B 272 21.35 -42.01 26.84
C THR B 272 21.86 -41.02 25.79
N LEU B 273 23.16 -41.16 25.52
CA LEU B 273 23.89 -40.19 24.70
C LEU B 273 23.41 -40.22 23.25
N ILE B 274 23.53 -41.37 22.59
CA ILE B 274 23.16 -41.51 21.19
C ILE B 274 21.82 -42.23 21.13
N SER B 275 20.83 -41.58 20.51
CA SER B 275 19.52 -42.17 20.37
C SER B 275 19.48 -43.11 19.16
N ASN B 276 18.61 -44.11 19.24
CA ASN B 276 18.49 -45.14 18.22
C ASN B 276 17.15 -45.12 17.51
N CYS B 277 16.05 -45.12 18.26
CA CYS B 277 14.71 -45.12 17.68
C CYS B 277 14.05 -43.76 17.90
N THR B 278 12.95 -43.56 17.17
CA THR B 278 12.18 -42.31 17.10
C THR B 278 13.08 -41.10 16.82
N ASP B 279 13.73 -41.14 15.67
CA ASP B 279 14.67 -40.09 15.28
C ASP B 279 14.35 -39.61 13.87
N ALA B 280 14.29 -38.30 13.70
CA ALA B 280 14.08 -37.68 12.40
C ALA B 280 15.34 -37.01 11.87
N ALA B 281 15.99 -36.20 12.69
CA ALA B 281 17.26 -35.57 12.32
C ALA B 281 18.18 -35.65 13.52
N CYS B 282 19.30 -34.91 13.45
CA CYS B 282 20.29 -34.76 14.52
C CYS B 282 20.87 -36.12 14.93
N LYS B 283 21.61 -36.72 14.00
CA LYS B 283 22.20 -38.05 14.20
C LYS B 283 23.53 -37.98 14.98
N TYR B 284 23.49 -37.30 16.12
CA TYR B 284 24.58 -37.27 17.09
C TYR B 284 24.08 -37.47 18.50
N GLY B 285 22.78 -37.25 18.75
CA GLY B 285 22.21 -37.38 20.07
C GLY B 285 21.46 -36.14 20.51
N TYR B 286 21.40 -35.96 21.84
CA TYR B 286 20.90 -34.79 22.59
C TYR B 286 19.39 -34.62 22.58
N ASP B 287 18.69 -35.38 21.71
CA ASP B 287 17.23 -35.49 21.63
C ASP B 287 16.54 -34.11 21.64
N PHE B 288 16.71 -33.39 20.53
CA PHE B 288 16.19 -32.03 20.43
C PHE B 288 14.73 -31.96 19.98
N SER B 289 13.95 -33.01 20.20
CA SER B 289 12.51 -32.89 20.08
C SER B 289 11.95 -32.16 21.30
N SER B 290 10.64 -31.85 21.21
CA SER B 290 9.82 -31.18 22.22
C SER B 290 10.22 -29.74 22.50
N CYS B 291 11.22 -29.21 21.79
CA CYS B 291 11.46 -27.77 21.76
C CYS B 291 10.74 -27.10 20.61
N ARG B 292 10.45 -27.82 19.54
CA ARG B 292 9.56 -27.30 18.51
C ARG B 292 8.14 -27.23 19.07
N PRO B 293 7.43 -26.13 18.86
CA PRO B 293 6.08 -26.00 19.44
C PRO B 293 5.06 -26.84 18.69
N THR B 294 4.15 -27.45 19.45
CA THR B 294 3.06 -28.20 18.83
C THR B 294 2.06 -27.25 18.17
N VAL B 295 1.87 -26.08 18.77
CA VAL B 295 1.01 -25.05 18.19
C VAL B 295 1.77 -24.36 17.06
N GLU B 296 1.04 -23.64 16.21
CA GLU B 296 1.65 -22.94 15.08
C GLU B 296 1.97 -21.48 15.38
N GLY B 297 2.10 -21.11 16.65
CA GLY B 297 2.37 -19.75 17.05
C GLY B 297 3.85 -19.43 17.07
N GLU B 298 4.17 -18.22 17.53
CA GLU B 298 5.54 -17.74 17.61
C GLU B 298 6.26 -18.21 18.87
N VAL B 299 5.54 -18.82 19.81
CA VAL B 299 6.14 -19.24 21.06
C VAL B 299 7.01 -20.47 20.83
N SER B 300 8.13 -20.53 21.54
CA SER B 300 9.03 -21.69 21.47
C SER B 300 9.62 -21.88 22.86
N SER B 301 9.38 -23.05 23.45
CA SER B 301 9.85 -23.34 24.81
C SER B 301 11.30 -23.84 24.81
N CYS B 302 12.19 -23.05 24.22
CA CYS B 302 13.59 -23.43 24.10
C CYS B 302 14.43 -22.21 24.45
N LYS B 303 15.76 -22.34 24.43
CA LYS B 303 16.60 -21.19 24.76
C LYS B 303 17.75 -20.94 23.80
N PHE B 304 18.09 -21.87 22.90
CA PHE B 304 19.23 -21.72 22.01
C PHE B 304 18.86 -22.21 20.62
N GLY B 305 19.86 -22.39 19.78
CA GLY B 305 19.65 -22.78 18.41
C GLY B 305 19.71 -21.58 17.47
N LEU B 306 19.06 -21.74 16.32
CA LEU B 306 19.00 -20.65 15.35
C LEU B 306 17.86 -19.68 15.63
N HIS B 307 16.84 -20.11 16.38
CA HIS B 307 15.60 -19.35 16.50
C HIS B 307 15.53 -18.48 17.75
N ASN B 308 16.31 -18.77 18.78
CA ASN B 308 15.98 -18.27 20.11
C ASN B 308 17.04 -17.36 20.71
N ASP B 309 18.31 -17.76 20.70
CA ASP B 309 19.30 -17.14 21.59
C ASP B 309 19.88 -15.84 21.07
N PHE B 310 19.80 -15.60 19.74
CA PHE B 310 20.16 -14.37 19.03
C PHE B 310 21.67 -14.10 18.99
N GLN B 311 22.47 -14.94 19.66
CA GLN B 311 23.89 -14.67 19.85
C GLN B 311 24.73 -15.91 19.56
N VAL B 312 24.26 -16.80 18.69
CA VAL B 312 24.92 -18.09 18.52
C VAL B 312 26.22 -17.97 17.73
N MET B 313 26.47 -16.82 17.08
CA MET B 313 27.76 -16.61 16.44
C MET B 313 28.89 -16.40 17.45
N SER B 314 28.56 -16.14 18.73
CA SER B 314 29.56 -16.22 19.78
C SER B 314 29.91 -17.68 20.06
N VAL B 315 28.90 -18.55 20.05
CA VAL B 315 29.11 -19.98 20.28
C VAL B 315 29.88 -20.65 19.15
N VAL B 316 29.59 -20.31 17.90
CA VAL B 316 30.24 -20.94 16.76
C VAL B 316 31.69 -20.49 16.65
N SER B 317 31.99 -19.25 17.04
CA SER B 317 33.31 -18.68 16.90
C SER B 317 34.32 -19.37 17.82
N GLY B 318 35.59 -19.25 17.46
CA GLY B 318 36.67 -19.89 18.20
C GLY B 318 36.88 -19.28 19.57
N PHE B 319 37.03 -17.97 19.62
CA PHE B 319 37.16 -17.24 20.88
C PHE B 319 36.14 -16.11 20.83
N SER B 320 35.06 -16.26 21.61
CA SER B 320 34.00 -15.25 21.58
C SER B 320 34.37 -13.91 22.23
N PRO B 321 34.68 -13.83 23.54
CA PRO B 321 34.41 -12.58 24.29
C PRO B 321 35.23 -11.36 23.88
N LEU B 322 36.28 -11.50 23.08
CA LEU B 322 37.04 -10.35 22.61
C LEU B 322 37.22 -10.35 21.10
N ILE B 323 37.40 -11.53 20.48
CA ILE B 323 37.55 -11.56 19.03
C ILE B 323 36.21 -11.45 18.34
N SER B 324 35.20 -12.17 18.82
CA SER B 324 33.85 -12.01 18.30
C SER B 324 33.08 -10.90 19.00
N ALA B 325 33.78 -10.05 19.76
CA ALA B 325 33.23 -8.81 20.29
C ALA B 325 33.40 -7.65 19.32
N GLY B 326 33.56 -7.95 18.02
CA GLY B 326 33.48 -6.99 16.95
C GLY B 326 32.07 -6.57 16.60
N ILE B 327 31.08 -7.15 17.28
CA ILE B 327 29.71 -6.64 17.27
C ILE B 327 29.70 -5.18 17.72
N PHE B 328 30.46 -4.88 18.78
CA PHE B 328 30.56 -3.52 19.29
C PHE B 328 31.22 -2.61 18.26
N SER B 329 32.26 -3.12 17.60
CA SER B 329 32.98 -2.34 16.58
C SER B 329 32.08 -2.04 15.39
N ALA B 330 31.32 -3.04 14.92
CA ALA B 330 30.44 -2.84 13.77
C ALA B 330 29.31 -1.88 14.10
N THR B 331 28.66 -2.07 15.26
CA THR B 331 27.53 -1.22 15.63
C THR B 331 27.97 0.21 15.90
N LEU B 332 29.06 0.41 16.65
CA LEU B 332 29.50 1.76 16.95
C LEU B 332 30.11 2.45 15.73
N SER B 333 30.77 1.70 14.83
CA SER B 333 31.31 2.32 13.63
C SER B 333 30.20 2.71 12.67
N SER B 334 29.16 1.89 12.55
CA SER B 334 28.05 2.23 11.67
C SER B 334 27.22 3.37 12.26
N ALA B 335 27.06 3.41 13.59
CA ALA B 335 26.35 4.52 14.21
C ALA B 335 27.15 5.82 14.17
N LEU B 336 28.48 5.71 14.18
CA LEU B 336 29.31 6.90 14.03
C LEU B 336 29.30 7.42 12.60
N ALA B 337 29.32 6.50 11.62
CA ALA B 337 29.25 6.92 10.23
C ALA B 337 27.86 7.38 9.82
N SER B 338 26.83 7.01 10.59
CA SER B 338 25.49 7.54 10.36
C SER B 338 25.17 8.73 11.24
N LEU B 339 26.00 9.02 12.24
CA LEU B 339 25.79 10.19 13.09
C LEU B 339 26.52 11.42 12.59
N VAL B 340 27.62 11.24 11.86
CA VAL B 340 28.29 12.39 11.23
C VAL B 340 27.81 12.63 9.81
N SER B 341 26.86 11.85 9.31
CA SER B 341 26.34 12.03 7.97
C SER B 341 24.86 12.34 7.92
N ALA B 342 24.14 12.26 9.03
CA ALA B 342 22.76 12.73 9.07
C ALA B 342 22.64 14.25 9.23
N PRO B 343 23.43 14.94 10.08
CA PRO B 343 23.40 16.41 10.01
C PRO B 343 24.19 16.99 8.85
N LYS B 344 25.18 16.27 8.32
CA LYS B 344 26.01 16.78 7.24
C LYS B 344 25.20 17.02 5.97
N VAL B 345 24.40 16.02 5.58
CA VAL B 345 23.41 16.18 4.52
C VAL B 345 22.38 17.22 4.91
N PHE B 346 22.01 17.26 6.19
CA PHE B 346 21.00 18.21 6.63
C PHE B 346 21.56 19.63 6.67
N GLN B 347 22.85 19.79 7.01
CA GLN B 347 23.46 21.11 6.94
C GLN B 347 23.62 21.57 5.50
N ALA B 348 23.99 20.64 4.60
CA ALA B 348 24.08 20.99 3.19
C ALA B 348 22.71 21.30 2.58
N LEU B 349 21.63 20.78 3.18
CA LEU B 349 20.29 21.11 2.70
C LEU B 349 19.80 22.42 3.29
N CYS B 350 20.17 22.72 4.54
CA CYS B 350 19.68 23.94 5.18
C CYS B 350 20.47 25.18 4.76
N LYS B 351 21.64 25.01 4.15
CA LYS B 351 22.39 26.17 3.68
C LYS B 351 21.76 26.76 2.43
N ASP B 352 21.45 25.92 1.45
CA ASP B 352 20.66 26.33 0.29
C ASP B 352 19.20 26.33 0.73
N ASN B 353 18.69 27.52 1.05
CA ASN B 353 17.40 27.69 1.74
C ASN B 353 16.26 27.23 0.84
N ILE B 354 15.68 26.08 1.17
CA ILE B 354 14.54 25.53 0.45
C ILE B 354 13.28 25.53 1.30
N TYR B 355 13.34 24.92 2.48
CA TYR B 355 12.20 24.80 3.36
C TYR B 355 12.19 25.92 4.39
N PRO B 356 11.00 26.50 4.69
CA PRO B 356 10.94 27.73 5.48
C PRO B 356 11.38 27.60 6.94
N GLY B 357 10.81 26.66 7.68
CA GLY B 357 11.09 26.53 9.09
C GLY B 357 12.17 25.52 9.39
N ILE B 358 13.14 25.40 8.49
CA ILE B 358 14.17 24.38 8.60
C ILE B 358 15.54 25.08 8.65
N ALA B 359 15.56 26.36 8.26
CA ALA B 359 16.82 27.09 8.09
C ALA B 359 17.49 27.44 9.40
N ILE B 360 16.83 27.22 10.54
CA ILE B 360 17.47 27.44 11.83
C ILE B 360 18.59 26.42 12.06
N PHE B 361 18.40 25.18 11.61
CA PHE B 361 19.39 24.12 11.76
C PHE B 361 20.46 24.17 10.67
N GLY B 362 21.10 25.33 10.51
CA GLY B 362 22.19 25.47 9.58
C GLY B 362 23.33 26.27 10.18
N LYS B 363 23.12 26.72 11.41
CA LYS B 363 24.11 27.51 12.14
C LYS B 363 25.22 26.58 12.60
N GLY B 364 26.22 26.40 11.76
CA GLY B 364 27.34 25.53 12.10
C GLY B 364 28.25 26.16 13.12
N TYR B 365 28.30 25.56 14.30
CA TYR B 365 29.16 25.98 15.39
C TYR B 365 30.51 25.31 15.27
N GLY B 366 31.33 25.47 16.31
CA GLY B 366 32.61 24.80 16.37
C GLY B 366 33.66 25.47 15.49
N LYS B 367 34.81 24.79 15.39
CA LYS B 367 35.93 25.30 14.62
C LYS B 367 35.90 24.82 13.17
N ASN B 368 35.30 23.67 12.91
CA ASN B 368 35.25 23.10 11.55
C ASN B 368 33.87 23.24 10.93
N ASN B 369 33.04 24.16 11.45
CA ASN B 369 31.68 24.44 10.98
C ASN B 369 30.79 23.20 11.04
N GLU B 370 30.91 22.46 12.14
CA GLU B 370 30.05 21.29 12.34
C GLU B 370 28.73 21.74 12.95
N PRO B 371 27.58 21.32 12.38
CA PRO B 371 26.30 21.84 12.83
C PRO B 371 25.83 21.23 14.14
N LEU B 372 25.93 21.99 15.24
CA LEU B 372 25.52 21.47 16.53
C LEU B 372 24.01 21.39 16.65
N ARG B 373 23.28 22.26 15.95
CA ARG B 373 21.83 22.16 15.92
C ARG B 373 21.38 20.92 15.15
N GLY B 374 22.06 20.59 14.05
CA GLY B 374 21.76 19.37 13.33
C GLY B 374 22.13 18.13 14.12
N TYR B 375 23.24 18.19 14.87
CA TYR B 375 23.61 17.07 15.75
C TYR B 375 22.58 16.88 16.86
N PHE B 376 22.07 17.98 17.43
CA PHE B 376 21.09 17.85 18.50
C PHE B 376 19.74 17.38 17.96
N LEU B 377 19.39 17.76 16.72
CA LEU B 377 18.14 17.27 16.15
C LEU B 377 18.25 15.80 15.76
N THR B 378 19.42 15.37 15.26
CA THR B 378 19.66 13.95 14.99
C THR B 378 19.65 13.14 16.29
N PHE B 379 20.20 13.71 17.36
CA PHE B 379 20.15 13.08 18.67
C PHE B 379 18.73 12.96 19.19
N GLY B 380 17.90 13.97 18.92
CA GLY B 380 16.50 13.89 19.33
C GLY B 380 15.71 12.86 18.55
N ILE B 381 15.93 12.80 17.23
CA ILE B 381 15.24 11.82 16.38
C ILE B 381 15.69 10.40 16.73
N ALA B 382 16.97 10.23 17.04
CA ALA B 382 17.46 8.91 17.45
C ALA B 382 16.94 8.54 18.84
N LEU B 383 16.85 9.50 19.75
CA LEU B 383 16.38 9.23 21.09
C LEU B 383 14.88 8.97 21.10
N ALA B 384 14.15 9.46 20.10
CA ALA B 384 12.75 9.10 19.96
C ALA B 384 12.54 7.67 19.45
N PHE B 385 13.60 6.97 19.05
CA PHE B 385 13.48 5.60 18.60
C PHE B 385 14.29 4.60 19.42
N ILE B 386 15.23 5.06 20.25
CA ILE B 386 15.94 4.14 21.15
C ILE B 386 14.99 3.62 22.22
N LEU B 387 14.03 4.45 22.64
CA LEU B 387 13.04 4.09 23.65
C LEU B 387 12.12 2.95 23.22
N ILE B 388 12.00 2.68 21.92
CA ILE B 388 11.35 1.45 21.45
C ILE B 388 12.45 0.41 21.42
N ALA B 389 12.70 -0.22 22.57
CA ALA B 389 13.87 -1.06 22.77
C ALA B 389 13.62 -2.49 22.28
N GLU B 390 13.44 -2.61 20.97
CA GLU B 390 13.30 -3.91 20.33
C GLU B 390 13.73 -3.76 18.89
N LEU B 391 14.79 -4.48 18.50
CA LEU B 391 15.42 -4.27 17.20
C LEU B 391 14.54 -4.74 16.05
N ASN B 392 13.73 -5.78 16.29
CA ASN B 392 12.85 -6.33 15.26
C ASN B 392 11.69 -5.41 14.91
N VAL B 393 11.47 -4.34 15.69
CA VAL B 393 10.47 -3.34 15.35
C VAL B 393 11.10 -2.01 14.96
N ILE B 394 12.40 -1.82 15.22
CA ILE B 394 13.10 -0.66 14.67
C ILE B 394 13.48 -0.91 13.22
N ALA B 395 13.92 -2.13 12.90
CA ALA B 395 14.46 -2.41 11.57
C ALA B 395 13.47 -2.30 10.40
N PRO B 396 12.14 -2.63 10.52
CA PRO B 396 11.23 -2.32 9.39
C PRO B 396 10.95 -0.85 9.15
N ILE B 397 11.49 0.04 9.98
CA ILE B 397 11.43 1.47 9.74
C ILE B 397 12.66 1.97 8.99
N ILE B 398 13.83 1.46 9.38
CA ILE B 398 15.07 1.77 8.68
C ILE B 398 15.04 1.23 7.28
N SER B 399 14.51 0.01 7.12
CA SER B 399 14.30 -0.58 5.80
C SER B 399 13.34 0.24 4.95
N ASN B 400 12.27 0.78 5.55
CA ASN B 400 11.30 1.58 4.82
C ASN B 400 11.92 2.89 4.33
N PHE B 401 12.63 3.61 5.20
CA PHE B 401 13.19 4.89 4.78
C PHE B 401 14.38 4.71 3.84
N PHE B 402 15.17 3.65 4.00
CA PHE B 402 16.27 3.45 3.05
C PHE B 402 15.78 2.93 1.71
N LEU B 403 14.69 2.16 1.69
CA LEU B 403 14.10 1.82 0.40
C LEU B 403 13.45 3.03 -0.26
N ALA B 404 12.94 3.98 0.53
CA ALA B 404 12.43 5.22 -0.05
C ALA B 404 13.54 6.06 -0.67
N SER B 405 14.67 6.18 0.04
CA SER B 405 15.80 6.94 -0.50
C SER B 405 16.42 6.27 -1.71
N TYR B 406 16.52 4.93 -1.68
CA TYR B 406 17.10 4.21 -2.80
C TYR B 406 16.12 4.03 -3.95
N ALA B 407 14.82 4.25 -3.72
CA ALA B 407 13.91 4.36 -4.85
C ALA B 407 13.95 5.76 -5.44
N LEU B 408 14.16 6.77 -4.60
CA LEU B 408 14.21 8.14 -5.11
C LEU B 408 15.46 8.39 -5.93
N ILE B 409 16.59 7.79 -5.56
CA ILE B 409 17.81 7.95 -6.36
C ILE B 409 17.67 7.25 -7.70
N ASN B 410 17.21 5.99 -7.68
CA ASN B 410 17.03 5.22 -8.90
C ASN B 410 15.89 5.74 -9.76
N PHE B 411 14.99 6.55 -9.21
CA PHE B 411 13.99 7.20 -10.04
C PHE B 411 14.48 8.55 -10.54
N SER B 412 15.33 9.23 -9.77
CA SER B 412 15.82 10.54 -10.20
C SER B 412 16.79 10.41 -11.37
N VAL B 413 17.63 9.37 -11.35
CA VAL B 413 18.54 9.21 -12.48
C VAL B 413 17.79 8.73 -13.72
N PHE B 414 16.69 7.98 -13.54
CA PHE B 414 15.90 7.56 -14.69
C PHE B 414 15.12 8.74 -15.26
N HIS B 415 14.60 9.60 -14.40
CA HIS B 415 13.90 10.79 -14.85
C HIS B 415 14.85 11.78 -15.51
N ALA B 416 16.10 11.84 -15.06
CA ALA B 416 17.07 12.71 -15.71
C ALA B 416 17.49 12.16 -17.07
N SER B 417 17.72 10.85 -17.17
CA SER B 417 18.11 10.28 -18.45
C SER B 417 16.94 10.08 -19.41
N LEU B 418 15.70 10.22 -18.94
CA LEU B 418 14.53 10.21 -19.81
C LEU B 418 14.13 11.61 -20.24
N ALA B 419 14.20 12.58 -19.32
CA ALA B 419 13.90 13.97 -19.65
C ALA B 419 14.97 14.61 -20.51
N ASN B 420 16.17 14.03 -20.55
CA ASN B 420 17.36 14.57 -21.22
C ASN B 420 17.68 15.97 -20.69
N SER B 421 18.01 15.98 -19.40
CA SER B 421 18.34 17.23 -18.73
C SER B 421 19.63 17.83 -19.31
N PRO B 422 19.75 19.16 -19.34
CA PRO B 422 20.91 19.79 -19.98
C PRO B 422 22.23 19.54 -19.25
N GLY B 423 22.21 19.23 -17.96
CA GLY B 423 23.44 19.00 -17.24
C GLY B 423 23.64 17.56 -16.83
N TRP B 424 22.87 16.65 -17.40
CA TRP B 424 22.92 15.23 -17.04
C TRP B 424 23.56 14.47 -18.20
N ARG B 425 24.89 14.35 -18.14
CA ARG B 425 25.67 13.56 -19.10
C ARG B 425 26.27 12.39 -18.36
N PRO B 426 25.55 11.26 -18.23
CA PRO B 426 26.02 10.18 -17.35
C PRO B 426 27.16 9.37 -17.94
N SER B 427 28.39 9.87 -17.81
CA SER B 427 29.57 9.19 -18.31
C SER B 427 29.94 8.06 -17.35
N PHE B 428 29.28 6.91 -17.54
CA PHE B 428 29.57 5.73 -16.74
C PHE B 428 29.26 4.51 -17.61
N LYS B 429 30.05 3.46 -17.41
CA LYS B 429 30.05 2.33 -18.34
C LYS B 429 28.80 1.47 -18.22
N TYR B 430 28.30 1.28 -17.00
CA TYR B 430 27.23 0.31 -16.74
C TYR B 430 26.00 0.95 -16.13
N TYR B 431 25.56 2.09 -16.67
CA TYR B 431 24.43 2.79 -16.07
C TYR B 431 23.09 2.19 -16.50
N ASN B 432 22.75 2.33 -17.79
CA ASN B 432 21.63 1.62 -18.45
C ASN B 432 20.29 1.90 -17.77
N MET B 433 19.80 3.14 -17.95
CA MET B 433 18.68 3.78 -17.25
C MET B 433 17.44 2.92 -16.97
N TRP B 434 17.15 1.94 -17.83
CA TRP B 434 16.04 1.03 -17.55
C TRP B 434 16.35 0.09 -16.39
N ALA B 435 17.64 -0.20 -16.14
CA ALA B 435 17.98 -0.94 -14.93
C ALA B 435 17.70 -0.11 -13.68
N SER B 436 17.95 1.20 -13.73
CA SER B 436 17.58 2.06 -12.62
C SER B 436 16.08 2.22 -12.47
N LEU B 437 15.33 2.18 -13.58
CA LEU B 437 13.88 2.16 -13.47
C LEU B 437 13.38 0.87 -12.83
N ALA B 438 13.98 -0.26 -13.20
CA ALA B 438 13.61 -1.53 -12.59
C ALA B 438 13.97 -1.57 -11.12
N GLY B 439 15.13 -1.03 -10.75
CA GLY B 439 15.50 -0.95 -9.35
C GLY B 439 14.82 0.13 -8.56
N ALA B 440 14.09 1.04 -9.21
CA ALA B 440 13.22 1.96 -8.48
C ALA B 440 11.83 1.37 -8.29
N ILE B 441 11.31 0.70 -9.31
CA ILE B 441 10.03 0.01 -9.20
C ILE B 441 10.12 -1.11 -8.18
N LEU B 442 11.26 -1.82 -8.13
CA LEU B 442 11.43 -2.91 -7.19
C LEU B 442 11.50 -2.40 -5.76
N CYS B 443 12.16 -1.27 -5.53
CA CYS B 443 12.19 -0.68 -4.18
C CYS B 443 10.81 -0.16 -3.78
N CYS B 444 10.09 0.47 -4.71
CA CYS B 444 8.76 0.97 -4.38
C CYS B 444 7.76 -0.16 -4.13
N VAL B 445 7.95 -1.31 -4.77
CA VAL B 445 7.07 -2.45 -4.51
C VAL B 445 7.44 -3.15 -3.20
N VAL B 446 8.73 -3.36 -2.95
CA VAL B 446 9.16 -4.07 -1.75
C VAL B 446 8.89 -3.24 -0.50
N MET B 447 9.03 -1.91 -0.60
CA MET B 447 8.73 -1.01 0.51
C MET B 447 7.26 -1.08 0.90
N PHE B 448 6.37 -1.32 -0.06
CA PHE B 448 4.95 -1.49 0.23
C PHE B 448 4.59 -2.90 0.66
N ILE B 449 5.33 -3.92 0.20
CA ILE B 449 5.09 -5.28 0.65
C ILE B 449 5.47 -5.42 2.12
N ILE B 450 6.54 -4.74 2.54
CA ILE B 450 7.00 -4.78 3.93
C ILE B 450 5.97 -4.18 4.88
N ASN B 451 5.58 -2.92 4.63
CA ASN B 451 4.65 -2.23 5.52
C ASN B 451 3.94 -1.17 4.67
N TRP B 452 2.68 -1.45 4.32
CA TRP B 452 2.02 -0.65 3.29
C TRP B 452 1.62 0.73 3.78
N TRP B 453 1.24 0.89 5.05
CA TRP B 453 0.78 2.20 5.49
C TRP B 453 1.95 3.15 5.75
N ALA B 454 3.07 2.62 6.25
CA ALA B 454 4.27 3.44 6.39
C ALA B 454 4.86 3.78 5.03
N ALA B 455 4.74 2.87 4.06
CA ALA B 455 5.18 3.17 2.70
C ALA B 455 4.30 4.22 2.05
N LEU B 456 2.98 4.16 2.29
CA LEU B 456 2.08 5.19 1.77
C LEU B 456 2.35 6.53 2.42
N LEU B 457 2.63 6.55 3.73
CA LEU B 457 2.97 7.79 4.42
C LEU B 457 4.27 8.38 3.90
N THR B 458 5.27 7.53 3.67
CA THR B 458 6.55 8.02 3.18
C THR B 458 6.45 8.51 1.74
N ASN B 459 5.65 7.83 0.90
CA ASN B 459 5.45 8.30 -0.46
C ASN B 459 4.62 9.58 -0.53
N VAL B 460 3.69 9.77 0.41
CA VAL B 460 2.94 11.02 0.46
C VAL B 460 3.85 12.16 0.93
N ILE B 461 4.77 11.88 1.86
CA ILE B 461 5.75 12.89 2.28
C ILE B 461 6.70 13.23 1.14
N VAL B 462 7.13 12.23 0.37
CA VAL B 462 8.03 12.46 -0.77
C VAL B 462 7.33 13.26 -1.86
N LEU B 463 6.07 12.92 -2.18
CA LEU B 463 5.32 13.68 -3.17
C LEU B 463 5.01 15.09 -2.69
N SER B 464 4.77 15.29 -1.39
CA SER B 464 4.56 16.64 -0.87
C SER B 464 5.83 17.47 -0.98
N LEU B 465 6.97 16.89 -0.60
CA LEU B 465 8.25 17.59 -0.70
C LEU B 465 8.74 17.73 -2.13
N TYR B 466 8.12 17.03 -3.09
CA TYR B 466 8.48 17.26 -4.48
C TYR B 466 7.59 18.30 -5.14
N ILE B 467 6.28 18.25 -4.88
CA ILE B 467 5.36 19.24 -5.45
C ILE B 467 5.57 20.60 -4.79
N TYR B 468 6.05 20.64 -3.54
CA TYR B 468 6.36 21.91 -2.91
C TYR B 468 7.54 22.61 -3.58
N VAL B 469 8.64 21.89 -3.79
CA VAL B 469 9.83 22.52 -4.34
C VAL B 469 9.73 22.72 -5.85
N SER B 470 9.09 21.79 -6.56
CA SER B 470 9.10 21.84 -8.01
C SER B 470 8.10 22.86 -8.54
N TYR B 471 6.81 22.62 -8.32
CA TYR B 471 5.76 23.45 -8.90
C TYR B 471 5.31 24.47 -7.86
N LYS B 472 6.11 25.52 -7.73
CA LYS B 472 5.77 26.64 -6.85
C LYS B 472 6.11 27.96 -7.53
#